data_3GK7
#
_entry.id   3GK7
#
_cell.length_a   116.589
_cell.length_b   116.589
_cell.length_c   174.328
_cell.angle_alpha   90.00
_cell.angle_beta   90.00
_cell.angle_gamma   90.00
#
_symmetry.space_group_name_H-M   'P 41 2 2'
#
loop_
_entity.id
_entity.type
_entity.pdbx_description
1 polymer '4-Hydroxybutyrate CoA-transferase'
2 non-polymer SPERMIDINE
3 non-polymer 2-AMINO-2-HYDROXYMETHYL-PROPANE-1,3-DIOL
4 water water
#
_entity_poly.entity_id   1
_entity_poly.type   'polypeptide(L)'
_entity_poly.pdbx_seq_one_letter_code
;MDWKKIYEDRTCTADEAVKSIKSGDRVLFAHCVAEPPVLVEAMVANAAAYKNVTVSHMVTLGKGEYSKPEYKENFTFEGW
FTSPSTRGSIAEGHGQFVPVFFHEVPSLIRKDIFHVDVFMVMVSPPDHNGFCCVGVSSDYTMQAIKSAKIVLAEVNDQVP
VVYGDTFVHVSEIDKFVETSHPLPEIGLPKIGEVEAAIGKHCASLIEDGSTLQLGIGAIPDAVLSQLKDKKHLGIHSEMI
SDGVVDLYEAGVIDCSQKSIDKGKMAITFLMGTKRLYDFAANNPKVELKPVDYINHPSVVAQCSKMVCINACLQVDFMGQ
IVSDSIGTKQFSGVGGQVDFVRGASMSIDGKGKAIIAMPSVAKKKDGSMISKIVPFIDHGAAVTTSRNDADYVVTEYGIA
EMKGKSLQDRARALINIAHPDFKDELKAEFEKRFNAAFSAWSHPQFEK
;
_entity_poly.pdbx_strand_id   A,B
#
# COMPACT_ATOMS: atom_id res chain seq x y z
N MET A 1 -36.30 -24.95 20.36
CA MET A 1 -37.47 -24.12 20.76
C MET A 1 -38.23 -23.73 19.48
N ASP A 2 -38.36 -22.43 19.23
CA ASP A 2 -38.73 -21.96 17.90
C ASP A 2 -37.63 -22.40 16.94
N TRP A 3 -36.37 -22.27 17.38
CA TRP A 3 -35.21 -22.51 16.51
C TRP A 3 -35.11 -23.94 15.99
N LYS A 4 -35.47 -24.91 16.83
CA LYS A 4 -35.41 -26.31 16.45
C LYS A 4 -36.34 -26.63 15.28
N LYS A 5 -37.51 -25.98 15.26
CA LYS A 5 -38.45 -26.10 14.14
C LYS A 5 -37.87 -25.47 12.86
N ILE A 6 -37.20 -24.32 13.00
CA ILE A 6 -36.56 -23.64 11.86
C ILE A 6 -35.53 -24.57 11.23
N TYR A 7 -34.64 -25.11 12.07
CA TYR A 7 -33.58 -25.99 11.64
C TYR A 7 -34.14 -27.20 10.92
N GLU A 8 -35.07 -27.90 11.57
CA GLU A 8 -35.65 -29.10 10.99
C GLU A 8 -36.42 -28.85 9.69
N ASP A 9 -37.15 -27.74 9.61
CA ASP A 9 -37.88 -27.38 8.38
C ASP A 9 -36.96 -27.08 7.19
N ARG A 10 -35.72 -26.68 7.48
CA ARG A 10 -34.78 -26.22 6.44
C ARG A 10 -33.70 -27.25 6.11
N THR A 11 -33.77 -28.42 6.74
CA THR A 11 -32.82 -29.51 6.48
C THR A 11 -33.21 -30.22 5.18
N CYS A 12 -32.21 -30.47 4.32
CA CYS A 12 -32.44 -31.10 3.02
C CYS A 12 -31.18 -31.83 2.52
N THR A 13 -31.23 -32.36 1.30
CA THR A 13 -30.06 -33.02 0.72
C THR A 13 -29.21 -31.97 -0.02
N ALA A 14 -27.94 -32.30 -0.26
CA ALA A 14 -27.04 -31.44 -1.02
C ALA A 14 -27.60 -31.14 -2.41
N ASP A 15 -28.12 -32.17 -3.09
CA ASP A 15 -28.70 -32.00 -4.42
C ASP A 15 -29.91 -31.05 -4.42
N GLU A 16 -30.73 -31.10 -3.37
CA GLU A 16 -31.84 -30.17 -3.25
C GLU A 16 -31.35 -28.74 -2.95
N ALA A 17 -30.37 -28.63 -2.05
CA ALA A 17 -29.84 -27.32 -1.64
C ALA A 17 -29.36 -26.48 -2.83
N VAL A 18 -28.58 -27.09 -3.73
CA VAL A 18 -27.93 -26.37 -4.83
C VAL A 18 -28.89 -25.91 -5.93
N LYS A 19 -30.16 -26.34 -5.87
CA LYS A 19 -31.21 -25.83 -6.76
C LYS A 19 -31.58 -24.37 -6.42
N SER A 20 -31.08 -23.87 -5.29
CA SER A 20 -31.22 -22.45 -4.92
C SER A 20 -30.34 -21.54 -5.78
N ILE A 21 -29.30 -22.11 -6.40
CA ILE A 21 -28.44 -21.38 -7.33
C ILE A 21 -29.11 -21.29 -8.70
N LYS A 22 -29.10 -20.08 -9.28
CA LYS A 22 -29.64 -19.90 -10.62
C LYS A 22 -28.63 -19.24 -11.55
N SER A 23 -28.86 -19.38 -12.85
CA SER A 23 -27.97 -18.78 -13.87
C SER A 23 -27.73 -17.30 -13.61
N GLY A 24 -26.48 -16.88 -13.72
CA GLY A 24 -26.14 -15.48 -13.49
C GLY A 24 -25.72 -15.17 -12.07
N ASP A 25 -25.98 -16.08 -11.12
CA ASP A 25 -25.65 -15.86 -9.71
C ASP A 25 -24.17 -15.72 -9.49
N ARG A 26 -23.82 -14.92 -8.51
CA ARG A 26 -22.49 -14.93 -7.92
C ARG A 26 -22.52 -15.84 -6.68
N VAL A 27 -21.79 -16.94 -6.75
CA VAL A 27 -21.68 -17.90 -5.65
C VAL A 27 -20.34 -17.67 -4.94
N LEU A 28 -20.35 -17.69 -3.62
CA LEU A 28 -19.12 -17.55 -2.85
C LEU A 28 -18.98 -18.73 -1.88
N PHE A 29 -17.81 -19.35 -1.83
CA PHE A 29 -17.54 -20.37 -0.82
C PHE A 29 -16.91 -19.72 0.41
N ALA A 30 -17.24 -20.28 1.57
CA ALA A 30 -16.54 -19.96 2.80
C ALA A 30 -15.04 -20.28 2.65
N HIS A 31 -14.24 -19.49 3.35
CA HIS A 31 -12.79 -19.52 3.19
C HIS A 31 -12.11 -20.83 3.59
N CYS A 32 -11.21 -21.30 2.74
CA CYS A 32 -10.22 -22.32 3.07
C CYS A 32 -10.86 -23.57 3.70
N VAL A 33 -10.54 -23.86 4.96
CA VAL A 33 -10.97 -25.11 5.59
C VAL A 33 -12.50 -25.18 5.80
N ALA A 34 -13.17 -24.03 5.79
CA ALA A 34 -14.64 -23.99 5.94
C ALA A 34 -15.41 -24.19 4.63
N GLU A 35 -14.69 -24.44 3.52
CA GLU A 35 -15.36 -24.75 2.26
C GLU A 35 -16.17 -26.05 2.42
N PRO A 36 -17.46 -26.04 2.05
CA PRO A 36 -18.35 -27.22 2.18
C PRO A 36 -18.23 -28.21 1.01
N PRO A 37 -17.41 -29.27 1.15
CA PRO A 37 -17.14 -30.12 -0.02
C PRO A 37 -18.38 -30.84 -0.57
N VAL A 38 -19.33 -31.16 0.30
CA VAL A 38 -20.56 -31.86 -0.13
C VAL A 38 -21.46 -30.95 -0.95
N LEU A 39 -21.53 -29.68 -0.56
CA LEU A 39 -22.26 -28.69 -1.35
C LEU A 39 -21.56 -28.36 -2.67
N VAL A 40 -20.23 -28.23 -2.64
CA VAL A 40 -19.45 -27.97 -3.86
C VAL A 40 -19.60 -29.12 -4.87
N GLU A 41 -19.49 -30.35 -4.37
CA GLU A 41 -19.70 -31.55 -5.16
C GLU A 41 -21.07 -31.55 -5.86
N ALA A 42 -22.12 -31.21 -5.11
CA ALA A 42 -23.49 -31.21 -5.63
C ALA A 42 -23.65 -30.12 -6.69
N MET A 43 -23.04 -28.95 -6.44
CA MET A 43 -23.13 -27.87 -7.41
C MET A 43 -22.50 -28.27 -8.74
N VAL A 44 -21.29 -28.83 -8.68
CA VAL A 44 -20.55 -29.29 -9.87
C VAL A 44 -21.33 -30.43 -10.58
N ALA A 45 -21.91 -31.34 -9.79
CA ALA A 45 -22.74 -32.41 -10.37
C ALA A 45 -23.95 -31.85 -11.12
N ASN A 46 -24.51 -30.75 -10.64
CA ASN A 46 -25.68 -30.09 -11.23
C ASN A 46 -25.30 -29.05 -12.30
N ALA A 47 -24.07 -29.12 -12.81
CA ALA A 47 -23.52 -28.09 -13.72
C ALA A 47 -24.43 -27.73 -14.89
N ALA A 48 -25.10 -28.73 -15.47
CA ALA A 48 -25.95 -28.49 -16.64
C ALA A 48 -27.16 -27.60 -16.39
N ALA A 49 -27.53 -27.43 -15.12
CA ALA A 49 -28.62 -26.53 -14.73
C ALA A 49 -28.26 -25.05 -14.78
N TYR A 50 -26.97 -24.75 -14.90
CA TYR A 50 -26.49 -23.38 -14.74
C TYR A 50 -25.85 -22.81 -15.99
N LYS A 51 -26.09 -21.52 -16.23
CA LYS A 51 -25.33 -20.75 -17.21
C LYS A 51 -24.68 -19.56 -16.51
N ASN A 52 -23.39 -19.36 -16.75
CA ASN A 52 -22.67 -18.17 -16.25
C ASN A 52 -22.86 -17.88 -14.76
N VAL A 53 -22.59 -18.89 -13.96
CA VAL A 53 -22.55 -18.74 -12.52
C VAL A 53 -21.12 -18.44 -12.11
N THR A 54 -20.91 -17.28 -11.49
CA THR A 54 -19.59 -16.93 -10.99
C THR A 54 -19.34 -17.68 -9.68
N VAL A 55 -18.17 -18.28 -9.56
CA VAL A 55 -17.76 -19.00 -8.37
C VAL A 55 -16.51 -18.34 -7.80
N SER A 56 -16.63 -17.74 -6.61
CA SER A 56 -15.51 -17.03 -5.99
C SER A 56 -15.10 -17.68 -4.68
N HIS A 57 -13.83 -17.49 -4.33
CA HIS A 57 -13.26 -17.85 -3.04
C HIS A 57 -11.80 -17.44 -3.05
N MET A 58 -11.06 -17.86 -2.04
CA MET A 58 -9.64 -17.58 -1.92
C MET A 58 -8.87 -18.89 -1.98
N VAL A 59 -7.87 -19.10 -1.12
CA VAL A 59 -7.14 -20.37 -1.16
C VAL A 59 -8.11 -21.56 -0.95
N THR A 60 -7.90 -22.64 -1.68
CA THR A 60 -8.75 -23.84 -1.56
C THR A 60 -7.94 -25.10 -1.38
N LEU A 61 -8.46 -26.00 -0.55
CA LEU A 61 -7.92 -27.35 -0.41
C LEU A 61 -8.78 -28.34 -1.17
N GLY A 62 -9.80 -27.81 -1.85
CA GLY A 62 -10.72 -28.63 -2.65
C GLY A 62 -10.21 -28.91 -4.04
N LYS A 63 -11.04 -29.56 -4.86
CA LYS A 63 -10.59 -30.03 -6.18
C LYS A 63 -10.67 -28.97 -7.27
N GLY A 64 -11.34 -27.86 -6.99
CA GLY A 64 -11.53 -26.78 -7.97
C GLY A 64 -12.10 -27.22 -9.32
N GLU A 65 -12.98 -28.22 -9.32
CA GLU A 65 -13.52 -28.78 -10.57
C GLU A 65 -14.25 -27.78 -11.46
N TYR A 66 -15.03 -26.88 -10.84
CA TYR A 66 -15.80 -25.84 -11.54
C TYR A 66 -14.90 -24.91 -12.36
N SER A 67 -13.59 -24.90 -12.04
CA SER A 67 -12.62 -24.07 -12.77
C SER A 67 -12.06 -24.72 -14.05
N LYS A 68 -12.34 -26.01 -14.27
CA LYS A 68 -11.81 -26.72 -15.46
C LYS A 68 -12.53 -26.23 -16.73
N PRO A 69 -11.82 -26.23 -17.89
CA PRO A 69 -12.40 -25.63 -19.10
C PRO A 69 -13.70 -26.28 -19.59
N GLU A 70 -13.89 -27.57 -19.30
CA GLU A 70 -15.12 -28.25 -19.72
C GLU A 70 -16.38 -27.67 -19.06
N TYR A 71 -16.18 -26.96 -17.94
CA TYR A 71 -17.28 -26.29 -17.24
C TYR A 71 -17.47 -24.80 -17.56
N LYS A 72 -16.73 -24.26 -18.53
CA LYS A 72 -16.70 -22.81 -18.73
C LYS A 72 -18.04 -22.15 -19.15
N GLU A 73 -18.96 -22.93 -19.71
CA GLU A 73 -20.28 -22.37 -20.05
C GLU A 73 -21.18 -22.27 -18.82
N ASN A 74 -20.89 -23.09 -17.80
CA ASN A 74 -21.71 -23.19 -16.60
C ASN A 74 -21.22 -22.31 -15.44
N PHE A 75 -19.91 -22.34 -15.22
CA PHE A 75 -19.25 -21.60 -14.15
C PHE A 75 -18.17 -20.70 -14.71
N THR A 76 -17.94 -19.56 -14.05
CA THR A 76 -16.72 -18.78 -14.24
C THR A 76 -16.03 -18.66 -12.90
N PHE A 77 -14.87 -19.30 -12.75
CA PHE A 77 -14.11 -19.13 -11.52
C PHE A 77 -13.60 -17.69 -11.43
N GLU A 78 -13.82 -17.07 -10.28
CA GLU A 78 -13.26 -15.74 -9.99
C GLU A 78 -12.52 -15.80 -8.66
N GLY A 79 -11.23 -16.07 -8.74
CA GLY A 79 -10.42 -16.24 -7.53
C GLY A 79 -10.02 -14.90 -6.96
N TRP A 80 -10.07 -14.80 -5.63
CA TRP A 80 -9.54 -13.62 -4.95
C TRP A 80 -8.15 -13.96 -4.36
N PHE A 81 -7.74 -15.22 -4.57
CA PHE A 81 -6.45 -15.79 -4.18
C PHE A 81 -6.46 -17.16 -4.83
N THR A 82 -5.49 -17.45 -5.67
CA THR A 82 -5.53 -18.73 -6.36
C THR A 82 -4.64 -19.80 -5.72
N SER A 83 -4.82 -21.05 -6.15
CA SER A 83 -4.03 -22.16 -5.63
C SER A 83 -3.93 -23.27 -6.69
N PRO A 84 -3.16 -24.34 -6.41
CA PRO A 84 -2.84 -25.32 -7.47
C PRO A 84 -4.05 -25.86 -8.24
N SER A 85 -5.18 -26.06 -7.55
CA SER A 85 -6.37 -26.63 -8.20
C SER A 85 -7.19 -25.63 -9.03
N THR A 86 -6.88 -24.33 -8.91
CA THR A 86 -7.63 -23.32 -9.68
C THR A 86 -6.77 -22.40 -10.55
N ARG A 87 -5.46 -22.35 -10.29
CA ARG A 87 -4.60 -21.39 -11.00
C ARG A 87 -4.46 -21.66 -12.50
N GLY A 88 -4.58 -22.93 -12.90
CA GLY A 88 -4.55 -23.31 -14.30
C GLY A 88 -5.59 -22.58 -15.14
N SER A 89 -6.79 -22.39 -14.58
CA SER A 89 -7.88 -21.72 -15.31
C SER A 89 -7.54 -20.26 -15.61
N ILE A 90 -6.76 -19.63 -14.75
CA ILE A 90 -6.42 -18.22 -14.94
C ILE A 90 -5.40 -18.12 -16.08
N ALA A 91 -4.42 -19.02 -16.09
CA ALA A 91 -3.44 -19.06 -17.19
C ALA A 91 -4.12 -19.40 -18.53
N GLU A 92 -5.14 -20.26 -18.48
CA GLU A 92 -5.82 -20.76 -19.70
C GLU A 92 -6.78 -19.73 -20.29
N GLY A 93 -7.28 -18.81 -19.47
CA GLY A 93 -8.10 -17.72 -19.98
C GLY A 93 -9.57 -17.73 -19.59
N HIS A 94 -10.06 -18.87 -19.13
CA HIS A 94 -11.48 -19.03 -18.77
C HIS A 94 -11.73 -18.83 -17.28
N GLY A 95 -10.65 -18.79 -16.49
CA GLY A 95 -10.75 -18.43 -15.08
C GLY A 95 -10.33 -16.97 -14.89
N GLN A 96 -10.91 -16.31 -13.90
CA GLN A 96 -10.64 -14.90 -13.60
C GLN A 96 -9.96 -14.72 -12.24
N PHE A 97 -9.20 -13.63 -12.11
CA PHE A 97 -8.48 -13.35 -10.88
C PHE A 97 -8.66 -11.88 -10.50
N VAL A 98 -9.08 -11.63 -9.25
CA VAL A 98 -9.22 -10.27 -8.72
C VAL A 98 -8.11 -9.97 -7.73
N PRO A 99 -7.30 -8.93 -8.03
CA PRO A 99 -6.34 -8.50 -7.02
C PRO A 99 -7.06 -7.72 -5.91
N VAL A 100 -7.08 -8.30 -4.70
CA VAL A 100 -7.74 -7.66 -3.57
C VAL A 100 -6.98 -7.99 -2.27
N PHE A 101 -6.74 -6.97 -1.45
CA PHE A 101 -6.16 -7.14 -0.13
C PHE A 101 -7.12 -7.93 0.74
N PHE A 102 -6.61 -8.93 1.46
CA PHE A 102 -7.46 -9.74 2.36
C PHE A 102 -8.35 -8.90 3.29
N HIS A 103 -7.78 -7.89 3.96
CA HIS A 103 -8.55 -7.09 4.92
C HIS A 103 -9.73 -6.35 4.28
N GLU A 104 -9.64 -6.07 2.98
CA GLU A 104 -10.65 -5.29 2.28
C GLU A 104 -11.83 -6.13 1.77
N VAL A 105 -11.70 -7.46 1.81
CA VAL A 105 -12.76 -8.33 1.29
C VAL A 105 -14.13 -8.06 1.94
N PRO A 106 -14.21 -8.03 3.29
CA PRO A 106 -15.53 -7.71 3.90
C PRO A 106 -16.10 -6.37 3.43
N SER A 107 -15.25 -5.35 3.29
CA SER A 107 -15.71 -4.05 2.78
C SER A 107 -16.31 -4.14 1.36
N LEU A 108 -15.64 -4.88 0.46
CA LEU A 108 -16.15 -5.02 -0.91
C LEU A 108 -17.49 -5.79 -0.93
N ILE A 109 -17.64 -6.76 -0.03
CA ILE A 109 -18.93 -7.44 0.11
C ILE A 109 -20.00 -6.45 0.60
N ARG A 110 -19.68 -5.69 1.65
CA ARG A 110 -20.61 -4.69 2.21
C ARG A 110 -21.00 -3.65 1.16
N LYS A 111 -20.04 -3.26 0.31
CA LYS A 111 -20.27 -2.27 -0.76
C LYS A 111 -21.06 -2.83 -1.96
N ASP A 112 -21.31 -4.14 -1.95
CA ASP A 112 -21.96 -4.86 -3.07
C ASP A 112 -21.11 -4.90 -4.35
N ILE A 113 -19.81 -4.66 -4.20
CA ILE A 113 -18.86 -4.90 -5.28
C ILE A 113 -18.64 -6.40 -5.41
N PHE A 114 -18.41 -7.07 -4.28
CA PHE A 114 -18.44 -8.53 -4.21
C PHE A 114 -19.86 -8.91 -3.78
N HIS A 115 -20.80 -8.76 -4.70
CA HIS A 115 -22.19 -9.14 -4.45
C HIS A 115 -22.22 -10.66 -4.31
N VAL A 116 -23.01 -11.15 -3.36
CA VAL A 116 -23.12 -12.59 -3.11
C VAL A 116 -24.59 -13.01 -3.19
N ASP A 117 -24.93 -13.76 -4.22
CA ASP A 117 -26.30 -14.30 -4.34
C ASP A 117 -26.48 -15.53 -3.47
N VAL A 118 -25.48 -16.41 -3.48
CA VAL A 118 -25.51 -17.63 -2.68
C VAL A 118 -24.17 -17.82 -2.01
N PHE A 119 -24.17 -17.97 -0.69
CA PHE A 119 -22.95 -18.26 0.08
C PHE A 119 -23.03 -19.70 0.58
N MET A 120 -21.97 -20.46 0.35
CA MET A 120 -21.95 -21.86 0.79
C MET A 120 -20.86 -22.06 1.84
N VAL A 121 -21.27 -22.51 3.02
CA VAL A 121 -20.39 -22.56 4.19
C VAL A 121 -20.56 -23.88 4.94
N MET A 122 -19.47 -24.38 5.51
CA MET A 122 -19.51 -25.56 6.37
C MET A 122 -19.48 -25.10 7.82
N VAL A 123 -20.38 -25.65 8.63
CA VAL A 123 -20.51 -25.25 10.02
C VAL A 123 -20.75 -26.46 10.92
N SER A 124 -20.47 -26.30 12.21
CA SER A 124 -20.82 -27.31 13.21
C SER A 124 -22.36 -27.34 13.40
N PRO A 125 -22.92 -28.49 13.85
CA PRO A 125 -24.35 -28.45 14.20
C PRO A 125 -24.63 -27.47 15.34
N PRO A 126 -25.88 -26.97 15.44
CA PRO A 126 -26.15 -25.92 16.44
C PRO A 126 -25.90 -26.31 17.90
N ASP A 127 -25.47 -25.34 18.70
CA ASP A 127 -25.47 -25.50 20.15
C ASP A 127 -26.91 -25.45 20.70
N HIS A 128 -27.05 -25.48 22.03
CA HIS A 128 -28.35 -25.52 22.70
C HIS A 128 -29.27 -24.35 22.34
N ASN A 129 -28.65 -23.21 22.05
CA ASN A 129 -29.34 -21.97 21.71
C ASN A 129 -29.52 -21.72 20.21
N GLY A 130 -29.09 -22.67 19.38
CA GLY A 130 -29.30 -22.58 17.94
C GLY A 130 -28.15 -21.93 17.17
N PHE A 131 -27.00 -21.80 17.81
CA PHE A 131 -25.83 -21.21 17.17
C PHE A 131 -24.87 -22.27 16.64
N CYS A 132 -24.66 -22.23 15.32
CA CYS A 132 -23.68 -23.06 14.64
C CYS A 132 -22.36 -22.31 14.63
N CYS A 133 -21.26 -23.05 14.55
CA CYS A 133 -19.93 -22.44 14.55
C CYS A 133 -19.16 -22.77 13.26
N VAL A 134 -18.54 -21.75 12.66
CA VAL A 134 -17.74 -21.98 11.46
C VAL A 134 -16.47 -22.71 11.87
N GLY A 135 -16.01 -22.45 13.09
CA GLY A 135 -14.91 -23.19 13.70
C GLY A 135 -13.52 -22.83 13.21
N VAL A 136 -13.34 -22.78 11.90
CA VAL A 136 -11.98 -22.67 11.33
C VAL A 136 -11.74 -21.42 10.50
N SER A 137 -12.81 -20.65 10.29
CA SER A 137 -12.78 -19.41 9.51
C SER A 137 -13.66 -18.37 10.16
N SER A 138 -13.16 -17.13 10.21
CA SER A 138 -13.98 -15.96 10.53
C SER A 138 -13.83 -15.01 9.32
N ASP A 139 -12.57 -14.64 9.05
CA ASP A 139 -12.14 -13.92 7.82
C ASP A 139 -13.21 -13.08 7.13
N TYR A 140 -13.60 -13.44 5.89
CA TYR A 140 -14.71 -12.78 5.19
C TYR A 140 -16.02 -13.54 5.36
N THR A 141 -15.93 -14.74 5.92
CA THR A 141 -17.05 -15.68 6.07
C THR A 141 -18.23 -15.07 6.84
N MET A 142 -17.95 -14.39 7.94
CA MET A 142 -18.99 -13.75 8.77
C MET A 142 -19.75 -12.65 8.04
N GLN A 143 -19.02 -11.79 7.32
CA GLN A 143 -19.67 -10.76 6.51
C GLN A 143 -20.53 -11.40 5.40
N ALA A 144 -19.98 -12.43 4.75
CA ALA A 144 -20.67 -13.10 3.65
C ALA A 144 -22.01 -13.69 4.11
N ILE A 145 -22.04 -14.24 5.33
CA ILE A 145 -23.29 -14.74 5.93
C ILE A 145 -24.32 -13.63 6.05
N LYS A 146 -23.89 -12.47 6.56
CA LYS A 146 -24.79 -11.33 6.71
C LYS A 146 -25.29 -10.83 5.36
N SER A 147 -24.40 -10.73 4.37
CA SER A 147 -24.71 -10.05 3.10
C SER A 147 -25.31 -10.93 2.00
N ALA A 148 -25.08 -12.24 2.05
CA ALA A 148 -25.56 -13.12 0.99
C ALA A 148 -27.10 -13.14 0.92
N LYS A 149 -27.63 -13.15 -0.30
CA LYS A 149 -29.08 -13.30 -0.50
C LYS A 149 -29.57 -14.64 0.07
N ILE A 150 -28.81 -15.70 -0.19
CA ILE A 150 -29.10 -17.03 0.33
C ILE A 150 -27.85 -17.65 0.93
N VAL A 151 -27.98 -18.28 2.09
CA VAL A 151 -26.90 -19.03 2.72
C VAL A 151 -27.23 -20.54 2.77
N LEU A 152 -26.36 -21.35 2.18
CA LEU A 152 -26.49 -22.81 2.23
C LEU A 152 -25.40 -23.36 3.16
N ALA A 153 -25.81 -24.13 4.17
CA ALA A 153 -24.86 -24.61 5.18
C ALA A 153 -24.70 -26.11 5.12
N GLU A 154 -23.45 -26.56 5.05
CA GLU A 154 -23.15 -27.95 5.27
C GLU A 154 -22.85 -28.13 6.75
N VAL A 155 -23.71 -28.90 7.41
CA VAL A 155 -23.63 -29.12 8.85
C VAL A 155 -22.83 -30.39 9.14
N ASN A 156 -21.55 -30.19 9.45
CA ASN A 156 -20.58 -31.26 9.62
C ASN A 156 -20.18 -31.36 11.09
N ASP A 157 -20.50 -32.50 11.71
CA ASP A 157 -20.23 -32.63 13.16
C ASP A 157 -18.75 -32.90 13.51
N GLN A 158 -17.87 -32.80 12.52
CA GLN A 158 -16.45 -32.83 12.81
C GLN A 158 -15.79 -31.43 12.89
N VAL A 159 -16.59 -30.40 12.60
CA VAL A 159 -16.17 -28.99 12.75
C VAL A 159 -16.05 -28.59 14.22
N PRO A 160 -14.88 -28.01 14.63
CA PRO A 160 -14.72 -27.63 16.04
C PRO A 160 -15.51 -26.37 16.44
N VAL A 161 -15.75 -26.22 17.73
CA VAL A 161 -16.30 -24.98 18.27
C VAL A 161 -15.11 -24.17 18.77
N VAL A 162 -14.89 -23.02 18.13
CA VAL A 162 -13.73 -22.16 18.43
C VAL A 162 -14.25 -20.75 18.73
N TYR A 163 -13.75 -20.14 19.81
CA TYR A 163 -14.27 -18.86 20.27
C TYR A 163 -14.04 -17.70 19.31
N GLY A 164 -14.84 -16.66 19.47
CA GLY A 164 -14.71 -15.43 18.70
C GLY A 164 -15.90 -15.21 17.81
N ASP A 165 -15.68 -14.49 16.71
CA ASP A 165 -16.74 -14.16 15.78
C ASP A 165 -16.84 -15.27 14.74
N THR A 166 -17.47 -16.37 15.16
CA THR A 166 -17.54 -17.60 14.37
C THR A 166 -18.92 -18.22 14.41
N PHE A 167 -19.86 -17.53 15.06
CA PHE A 167 -21.17 -18.12 15.30
C PHE A 167 -22.27 -17.56 14.42
N VAL A 168 -23.11 -18.45 13.92
CA VAL A 168 -24.24 -18.11 13.08
C VAL A 168 -25.49 -18.84 13.60
N HIS A 169 -26.54 -18.06 13.90
CA HIS A 169 -27.80 -18.63 14.37
C HIS A 169 -28.53 -19.32 13.23
N VAL A 170 -29.24 -20.40 13.53
CA VAL A 170 -29.95 -21.15 12.47
C VAL A 170 -30.92 -20.29 11.64
N SER A 171 -31.46 -19.21 12.24
CA SER A 171 -32.39 -18.32 11.54
C SER A 171 -31.71 -17.50 10.44
N GLU A 172 -30.38 -17.44 10.48
CA GLU A 172 -29.61 -16.73 9.42
C GLU A 172 -29.33 -17.59 8.19
N ILE A 173 -29.67 -18.88 8.28
CA ILE A 173 -29.33 -19.85 7.23
C ILE A 173 -30.58 -20.38 6.51
N ASP A 174 -30.49 -20.49 5.20
CA ASP A 174 -31.63 -20.89 4.36
C ASP A 174 -31.87 -22.41 4.27
N LYS A 175 -30.78 -23.16 4.11
CA LYS A 175 -30.85 -24.62 3.99
C LYS A 175 -29.70 -25.25 4.77
N PHE A 176 -29.96 -26.44 5.31
CA PHE A 176 -28.97 -27.18 6.07
C PHE A 176 -28.83 -28.58 5.46
N VAL A 177 -27.58 -28.99 5.25
CA VAL A 177 -27.25 -30.32 4.74
C VAL A 177 -26.32 -31.02 5.73
N GLU A 178 -26.82 -32.07 6.37
CA GLU A 178 -26.08 -32.78 7.43
C GLU A 178 -25.07 -33.81 6.92
N THR A 179 -23.84 -33.71 7.43
CA THR A 179 -22.75 -34.59 7.02
C THR A 179 -21.84 -34.90 8.20
N SER A 180 -20.91 -35.85 8.01
CA SER A 180 -19.87 -36.12 9.00
C SER A 180 -18.63 -36.60 8.29
N HIS A 181 -17.61 -35.75 8.25
CA HIS A 181 -16.34 -36.12 7.62
C HIS A 181 -15.22 -35.27 8.21
N PRO A 182 -13.97 -35.77 8.21
CA PRO A 182 -12.90 -34.96 8.77
C PRO A 182 -12.59 -33.72 7.90
N LEU A 183 -12.00 -32.71 8.53
CA LEU A 183 -11.66 -31.47 7.85
C LEU A 183 -10.37 -31.70 7.06
N PRO A 184 -10.18 -30.95 5.95
CA PRO A 184 -8.95 -31.14 5.19
C PRO A 184 -7.72 -30.72 6.00
N GLU A 185 -6.61 -31.42 5.78
CA GLU A 185 -5.35 -31.18 6.47
C GLU A 185 -4.25 -30.81 5.48
N ILE A 186 -3.27 -30.04 5.96
CA ILE A 186 -2.04 -29.84 5.20
C ILE A 186 -0.87 -30.43 5.97
N GLY A 187 0.12 -30.93 5.22
CA GLY A 187 1.27 -31.60 5.80
C GLY A 187 2.25 -30.65 6.46
N LEU A 188 3.13 -31.21 7.28
CA LEU A 188 4.19 -30.44 7.91
C LEU A 188 5.35 -30.32 6.92
N PRO A 189 5.91 -29.10 6.76
CA PRO A 189 6.96 -28.91 5.77
C PRO A 189 8.32 -29.49 6.19
N LYS A 190 9.14 -29.83 5.19
CA LYS A 190 10.52 -30.21 5.46
C LYS A 190 11.40 -28.97 5.45
N ILE A 191 12.20 -28.81 6.50
CA ILE A 191 13.09 -27.68 6.65
C ILE A 191 14.52 -28.07 6.29
N GLY A 192 15.02 -27.48 5.20
CA GLY A 192 16.42 -27.66 4.77
C GLY A 192 17.32 -26.62 5.40
N GLU A 193 18.62 -26.72 5.10
CA GLU A 193 19.62 -25.77 5.63
C GLU A 193 19.31 -24.32 5.25
N VAL A 194 18.82 -24.11 4.03
CA VAL A 194 18.47 -22.76 3.56
C VAL A 194 17.41 -22.11 4.46
N GLU A 195 16.32 -22.85 4.70
CA GLU A 195 15.23 -22.33 5.51
C GLU A 195 15.65 -22.18 6.97
N ALA A 196 16.46 -23.11 7.47
CA ALA A 196 17.00 -22.98 8.81
C ALA A 196 17.82 -21.70 8.96
N ALA A 197 18.64 -21.36 7.95
CA ALA A 197 19.42 -20.13 7.98
C ALA A 197 18.51 -18.89 7.98
N ILE A 198 17.50 -18.89 7.11
CA ILE A 198 16.51 -17.82 7.10
C ILE A 198 15.86 -17.68 8.48
N GLY A 199 15.52 -18.80 9.10
CA GLY A 199 14.88 -18.78 10.41
C GLY A 199 15.73 -18.12 11.48
N LYS A 200 17.03 -18.42 11.46
CA LYS A 200 18.00 -17.84 12.39
C LYS A 200 18.12 -16.33 12.21
N HIS A 201 18.20 -15.89 10.95
CA HIS A 201 18.26 -14.46 10.68
C HIS A 201 16.99 -13.74 11.17
N CYS A 202 15.81 -14.32 10.88
CA CYS A 202 14.55 -13.70 11.31
C CYS A 202 14.44 -13.65 12.84
N ALA A 203 14.85 -14.73 13.49
CA ALA A 203 14.82 -14.81 14.95
C ALA A 203 15.69 -13.72 15.60
N SER A 204 16.80 -13.38 14.96
CA SER A 204 17.70 -12.32 15.45
C SER A 204 17.05 -10.94 15.48
N LEU A 205 15.93 -10.79 14.78
CA LEU A 205 15.18 -9.52 14.72
C LEU A 205 13.99 -9.51 15.69
N ILE A 206 13.77 -10.63 16.37
CA ILE A 206 12.59 -10.79 17.24
C ILE A 206 12.98 -10.72 18.72
N GLU A 207 12.51 -9.71 19.43
CA GLU A 207 12.82 -9.60 20.87
C GLU A 207 11.75 -10.25 21.75
N ASP A 208 12.06 -10.42 23.04
CA ASP A 208 11.08 -10.93 23.99
C ASP A 208 9.86 -10.01 23.96
N GLY A 209 8.67 -10.62 24.05
CA GLY A 209 7.44 -9.86 24.11
C GLY A 209 6.90 -9.38 22.76
N SER A 210 7.55 -9.81 21.67
CA SER A 210 7.08 -9.45 20.31
C SER A 210 5.73 -10.10 20.04
N THR A 211 4.87 -9.39 19.32
CA THR A 211 3.63 -9.93 18.78
C THR A 211 3.90 -10.37 17.34
N LEU A 212 3.61 -11.63 17.04
CA LEU A 212 3.98 -12.24 15.76
C LEU A 212 2.83 -12.46 14.80
N GLN A 213 3.10 -12.22 13.52
CA GLN A 213 2.28 -12.72 12.43
C GLN A 213 3.15 -13.58 11.53
N LEU A 214 2.66 -14.78 11.21
CA LEU A 214 3.32 -15.65 10.23
C LEU A 214 2.36 -16.68 9.68
N GLY A 215 2.74 -17.30 8.58
CA GLY A 215 1.88 -18.22 7.85
C GLY A 215 2.32 -19.67 8.00
N ILE A 216 2.20 -20.40 6.90
CA ILE A 216 2.59 -21.81 6.85
C ILE A 216 3.73 -22.05 5.87
N GLY A 217 4.43 -23.16 6.06
CA GLY A 217 5.50 -23.54 5.14
C GLY A 217 6.83 -23.57 5.85
N ALA A 218 7.85 -24.02 5.12
CA ALA A 218 9.16 -24.27 5.70
C ALA A 218 9.79 -23.04 6.36
N ILE A 219 9.59 -21.86 5.77
CA ILE A 219 10.18 -20.63 6.32
C ILE A 219 9.62 -20.24 7.72
N PRO A 220 8.30 -19.97 7.82
CA PRO A 220 7.74 -19.71 9.16
C PRO A 220 8.01 -20.82 10.20
N ASP A 221 7.97 -22.08 9.79
CA ASP A 221 8.30 -23.18 10.73
C ASP A 221 9.76 -23.12 11.16
N ALA A 222 10.65 -22.79 10.22
CA ALA A 222 12.06 -22.60 10.56
C ALA A 222 12.26 -21.44 11.53
N VAL A 223 11.51 -20.36 11.34
CA VAL A 223 11.55 -19.23 12.26
C VAL A 223 11.12 -19.64 13.66
N LEU A 224 9.96 -20.32 13.73
CA LEU A 224 9.42 -20.77 15.01
C LEU A 224 10.40 -21.67 15.76
N SER A 225 11.06 -22.56 15.02
CA SER A 225 12.00 -23.51 15.61
C SER A 225 13.25 -22.82 16.16
N GLN A 226 13.48 -21.56 15.74
CA GLN A 226 14.62 -20.77 16.23
C GLN A 226 14.23 -19.78 17.34
N LEU A 227 13.00 -19.93 17.84
CA LEU A 227 12.45 -19.01 18.83
C LEU A 227 12.39 -19.62 20.24
N LYS A 228 12.98 -20.81 20.39
CA LYS A 228 12.91 -21.55 21.65
C LYS A 228 13.52 -20.82 22.85
N ASP A 229 14.39 -19.85 22.58
CA ASP A 229 15.04 -19.08 23.64
C ASP A 229 14.37 -17.72 23.92
N LYS A 230 13.25 -17.45 23.24
CA LYS A 230 12.49 -16.21 23.45
C LYS A 230 11.45 -16.38 24.55
N LYS A 231 10.94 -15.27 25.06
CA LYS A 231 9.95 -15.30 26.16
C LYS A 231 8.80 -14.33 25.89
N HIS A 232 7.61 -14.72 26.35
CA HIS A 232 6.41 -13.86 26.38
C HIS A 232 5.96 -13.35 25.00
N LEU A 233 6.20 -14.17 23.97
CA LEU A 233 5.74 -13.85 22.62
C LEU A 233 4.22 -13.89 22.57
N GLY A 234 3.64 -13.06 21.69
CA GLY A 234 2.19 -12.99 21.50
C GLY A 234 1.85 -13.23 20.04
N ILE A 235 0.56 -13.45 19.78
CA ILE A 235 0.09 -13.76 18.44
C ILE A 235 -1.00 -12.82 18.03
N HIS A 236 -0.78 -12.15 16.89
CA HIS A 236 -1.84 -11.43 16.20
C HIS A 236 -1.53 -11.67 14.74
N SER A 237 -2.27 -12.61 14.15
CA SER A 237 -1.84 -13.23 12.89
C SER A 237 -3.05 -13.62 12.06
N GLU A 238 -2.89 -13.54 10.75
CA GLU A 238 -3.94 -14.00 9.85
C GLU A 238 -4.32 -15.45 10.18
N MET A 239 -3.30 -16.31 10.36
CA MET A 239 -3.51 -17.69 10.78
C MET A 239 -2.46 -18.14 11.77
N ILE A 240 -2.74 -19.25 12.47
CA ILE A 240 -1.70 -20.04 13.12
C ILE A 240 -1.71 -21.46 12.54
N SER A 241 -0.58 -22.14 12.59
CA SER A 241 -0.59 -23.57 12.26
C SER A 241 0.08 -24.38 13.36
N ASP A 242 0.33 -25.65 13.07
CA ASP A 242 0.89 -26.60 14.04
C ASP A 242 2.15 -26.09 14.74
N GLY A 243 3.00 -25.38 14.00
CA GLY A 243 4.24 -24.83 14.58
C GLY A 243 4.02 -23.90 15.74
N VAL A 244 2.98 -23.08 15.66
CA VAL A 244 2.64 -22.15 16.74
C VAL A 244 2.21 -22.93 17.99
N VAL A 245 1.43 -23.99 17.79
CA VAL A 245 1.02 -24.86 18.90
C VAL A 245 2.24 -25.42 19.66
N ASP A 246 3.23 -25.90 18.91
CA ASP A 246 4.49 -26.37 19.49
C ASP A 246 5.14 -25.32 20.38
N LEU A 247 5.22 -24.09 19.87
CA LEU A 247 5.91 -23.02 20.58
C LEU A 247 5.11 -22.57 21.82
N TYR A 248 3.78 -22.64 21.72
CA TYR A 248 2.92 -22.38 22.87
C TYR A 248 3.14 -23.44 23.96
N GLU A 249 3.17 -24.70 23.56
CA GLU A 249 3.36 -25.81 24.49
C GLU A 249 4.73 -25.76 25.16
N ALA A 250 5.71 -25.17 24.47
CA ALA A 250 7.05 -24.95 25.00
C ALA A 250 7.10 -23.77 26.00
N GLY A 251 6.01 -23.02 26.10
CA GLY A 251 5.94 -21.88 27.02
C GLY A 251 6.49 -20.56 26.45
N VAL A 252 6.89 -20.57 25.18
CA VAL A 252 7.48 -19.39 24.53
C VAL A 252 6.40 -18.35 24.17
N ILE A 253 5.31 -18.82 23.57
CA ILE A 253 4.16 -17.96 23.30
C ILE A 253 3.18 -18.00 24.47
N ASP A 254 3.01 -16.87 25.15
CA ASP A 254 2.00 -16.81 26.22
C ASP A 254 1.03 -15.63 26.12
N CYS A 255 1.27 -14.75 25.14
CA CYS A 255 0.40 -13.58 24.88
C CYS A 255 0.23 -12.65 26.08
N SER A 256 1.21 -12.65 26.97
CA SER A 256 1.12 -11.91 28.24
C SER A 256 1.57 -10.45 28.13
N GLN A 257 2.18 -10.09 27.01
CA GLN A 257 2.67 -8.72 26.82
C GLN A 257 2.06 -8.01 25.59
N LYS A 258 0.88 -8.49 25.18
CA LYS A 258 0.13 -7.87 24.08
C LYS A 258 -0.52 -6.56 24.54
N SER A 259 -0.75 -5.66 23.59
CA SER A 259 -1.41 -4.39 23.91
C SER A 259 -2.94 -4.50 23.78
N ILE A 260 -3.38 -5.30 22.82
CA ILE A 260 -4.82 -5.54 22.60
C ILE A 260 -5.08 -7.06 22.56
N ASP A 261 -6.32 -7.47 22.82
CA ASP A 261 -6.70 -8.89 22.91
C ASP A 261 -5.69 -9.65 23.79
N LYS A 262 -5.48 -9.11 24.99
CA LYS A 262 -4.46 -9.61 25.92
C LYS A 262 -4.73 -11.07 26.30
N GLY A 263 -3.66 -11.86 26.35
CA GLY A 263 -3.72 -13.26 26.79
C GLY A 263 -4.32 -14.23 25.77
N LYS A 264 -4.63 -13.72 24.58
CA LYS A 264 -5.22 -14.55 23.51
C LYS A 264 -4.42 -14.49 22.22
N MET A 265 -4.40 -15.61 21.51
CA MET A 265 -3.93 -15.64 20.13
C MET A 265 -5.08 -15.17 19.26
N ALA A 266 -4.90 -13.99 18.62
CA ALA A 266 -5.95 -13.43 17.78
C ALA A 266 -5.64 -13.75 16.32
N ILE A 267 -6.56 -14.45 15.66
CA ILE A 267 -6.37 -14.98 14.31
C ILE A 267 -7.66 -14.82 13.47
N THR A 268 -7.56 -14.98 12.16
CA THR A 268 -8.74 -14.87 11.30
C THR A 268 -9.17 -16.21 10.66
N PHE A 269 -8.23 -17.15 10.55
CA PHE A 269 -8.56 -18.52 10.07
C PHE A 269 -7.54 -19.56 10.54
N LEU A 270 -7.89 -20.83 10.41
CA LEU A 270 -7.02 -21.94 10.81
C LEU A 270 -6.78 -22.87 9.62
N MET A 271 -5.56 -23.38 9.52
CA MET A 271 -5.19 -24.35 8.48
C MET A 271 -3.98 -25.12 8.95
N GLY A 272 -4.09 -26.44 9.02
CA GLY A 272 -3.03 -27.26 9.62
C GLY A 272 -3.44 -28.72 9.63
N THR A 273 -3.04 -29.44 10.67
CA THR A 273 -3.47 -30.82 10.84
C THR A 273 -4.59 -30.84 11.88
N LYS A 274 -5.20 -32.00 12.09
CA LYS A 274 -6.26 -32.13 13.08
C LYS A 274 -5.78 -31.73 14.48
N ARG A 275 -4.48 -31.90 14.73
CA ARG A 275 -3.87 -31.43 15.98
C ARG A 275 -4.12 -29.94 16.22
N LEU A 276 -4.01 -29.12 15.16
CA LEU A 276 -4.35 -27.70 15.27
C LEU A 276 -5.82 -27.45 15.52
N TYR A 277 -6.69 -28.18 14.80
CA TYR A 277 -8.13 -27.98 14.94
C TYR A 277 -8.60 -28.39 16.35
N ASP A 278 -8.05 -29.48 16.88
CA ASP A 278 -8.36 -29.95 18.24
C ASP A 278 -7.84 -28.97 19.28
N PHE A 279 -6.61 -28.49 19.08
CA PHE A 279 -6.02 -27.48 19.96
C PHE A 279 -6.91 -26.22 20.07
N ALA A 280 -7.31 -25.68 18.92
CA ALA A 280 -8.07 -24.41 18.89
C ALA A 280 -9.46 -24.53 19.52
N ALA A 281 -10.00 -25.74 19.51
CA ALA A 281 -11.35 -26.00 20.01
C ALA A 281 -11.52 -25.70 21.51
N ASN A 282 -12.57 -24.94 21.83
CA ASN A 282 -12.96 -24.62 23.23
C ASN A 282 -11.76 -24.21 24.07
N ASN A 283 -11.00 -23.24 23.55
CA ASN A 283 -9.71 -22.89 24.10
C ASN A 283 -9.68 -21.38 24.34
N PRO A 284 -9.66 -20.96 25.62
CA PRO A 284 -9.62 -19.54 25.99
C PRO A 284 -8.42 -18.79 25.41
N LYS A 285 -7.37 -19.52 25.05
CA LYS A 285 -6.13 -18.94 24.49
C LYS A 285 -6.22 -18.63 22.99
N VAL A 286 -7.31 -19.00 22.35
CA VAL A 286 -7.47 -18.77 20.91
C VAL A 286 -8.77 -18.01 20.68
N GLU A 287 -8.70 -17.01 19.82
CA GLU A 287 -9.89 -16.31 19.39
C GLU A 287 -9.84 -15.96 17.89
N LEU A 288 -10.88 -16.38 17.17
CA LEU A 288 -11.06 -16.00 15.78
C LEU A 288 -11.87 -14.72 15.62
N LYS A 289 -11.38 -13.81 14.79
CA LYS A 289 -12.07 -12.55 14.51
C LYS A 289 -12.02 -12.27 13.00
N PRO A 290 -12.94 -11.44 12.49
CA PRO A 290 -12.96 -11.28 11.04
C PRO A 290 -11.74 -10.54 10.51
N VAL A 291 -11.53 -10.64 9.20
CA VAL A 291 -10.29 -10.17 8.59
C VAL A 291 -10.19 -8.63 8.53
N ASP A 292 -11.33 -7.95 8.53
CA ASP A 292 -11.34 -6.48 8.59
C ASP A 292 -11.10 -5.96 10.01
N TYR A 293 -10.92 -6.89 10.96
CA TYR A 293 -10.32 -6.57 12.26
C TYR A 293 -8.87 -7.00 12.28
N ILE A 294 -8.63 -8.31 12.13
CA ILE A 294 -7.29 -8.88 12.29
C ILE A 294 -6.25 -8.26 11.35
N ASN A 295 -6.60 -8.15 10.08
CA ASN A 295 -5.66 -7.68 9.04
C ASN A 295 -5.77 -6.18 8.78
N HIS A 296 -6.66 -5.50 9.52
CA HIS A 296 -6.86 -4.08 9.28
C HIS A 296 -5.60 -3.34 9.71
N PRO A 297 -4.94 -2.61 8.78
CA PRO A 297 -3.70 -1.93 9.15
C PRO A 297 -3.80 -1.03 10.39
N SER A 298 -4.95 -0.38 10.59
CA SER A 298 -5.17 0.46 11.79
C SER A 298 -5.22 -0.34 13.09
N VAL A 299 -5.59 -1.62 13.00
CA VAL A 299 -5.57 -2.53 14.15
C VAL A 299 -4.17 -3.11 14.39
N VAL A 300 -3.55 -3.64 13.34
CA VAL A 300 -2.16 -4.09 13.41
C VAL A 300 -1.23 -3.01 14.02
N ALA A 301 -1.49 -1.75 13.66
CA ALA A 301 -0.70 -0.61 14.17
C ALA A 301 -0.76 -0.48 15.70
N GLN A 302 -1.82 -1.02 16.31
CA GLN A 302 -2.00 -0.96 17.76
C GLN A 302 -1.27 -2.07 18.51
N CYS A 303 -0.76 -3.08 17.78
CA CYS A 303 -0.06 -4.21 18.38
C CYS A 303 1.32 -3.84 18.92
N SER A 304 1.69 -4.46 20.04
CA SER A 304 2.98 -4.17 20.66
C SER A 304 4.12 -4.99 20.05
N LYS A 305 5.19 -4.30 19.63
CA LYS A 305 6.39 -4.96 19.11
C LYS A 305 6.05 -5.97 17.99
N MET A 306 5.28 -5.49 17.03
CA MET A 306 4.76 -6.31 15.93
C MET A 306 5.90 -6.78 15.05
N VAL A 307 5.97 -8.08 14.81
CA VAL A 307 6.88 -8.64 13.83
C VAL A 307 6.09 -9.51 12.87
N CYS A 308 6.11 -9.12 11.60
CA CYS A 308 5.33 -9.76 10.55
C CYS A 308 6.30 -10.49 9.64
N ILE A 309 6.09 -11.79 9.45
CA ILE A 309 6.99 -12.61 8.64
C ILE A 309 6.21 -13.18 7.47
N ASN A 310 6.63 -12.82 6.25
CA ASN A 310 5.97 -13.29 5.03
C ASN A 310 6.99 -13.67 3.97
N ALA A 311 6.58 -14.52 3.03
CA ALA A 311 7.50 -14.99 1.98
C ALA A 311 7.26 -14.28 0.65
N CYS A 312 8.29 -14.23 -0.21
CA CYS A 312 8.09 -13.71 -1.56
C CYS A 312 8.72 -14.63 -2.60
N LEU A 313 8.63 -14.21 -3.87
CA LEU A 313 9.18 -14.99 -4.98
C LEU A 313 10.45 -14.38 -5.59
N GLN A 314 10.49 -13.05 -5.67
CA GLN A 314 11.69 -12.33 -6.17
C GLN A 314 11.64 -10.87 -5.73
N VAL A 315 12.81 -10.25 -5.66
CA VAL A 315 12.91 -8.85 -5.24
C VAL A 315 13.88 -8.18 -6.23
N ASP A 316 13.47 -7.05 -6.80
CA ASP A 316 14.35 -6.32 -7.73
C ASP A 316 15.27 -5.30 -7.03
N PHE A 317 16.13 -4.65 -7.82
CA PHE A 317 17.13 -3.72 -7.28
C PHE A 317 16.49 -2.52 -6.58
N MET A 318 15.24 -2.19 -6.93
CA MET A 318 14.57 -1.04 -6.31
C MET A 318 13.83 -1.42 -5.02
N GLY A 319 13.84 -2.69 -4.67
CA GLY A 319 13.08 -3.18 -3.52
C GLY A 319 11.62 -3.41 -3.84
N GLN A 320 11.29 -3.55 -5.12
CA GLN A 320 9.96 -4.04 -5.52
C GLN A 320 9.90 -5.53 -5.24
N ILE A 321 8.86 -5.95 -4.53
CA ILE A 321 8.74 -7.33 -4.10
C ILE A 321 7.60 -8.05 -4.82
N VAL A 322 7.93 -9.12 -5.54
CA VAL A 322 6.96 -9.94 -6.26
C VAL A 322 6.68 -11.19 -5.42
N SER A 323 5.43 -11.39 -5.02
CA SER A 323 5.12 -12.49 -4.10
C SER A 323 4.06 -13.45 -4.60
N ASP A 324 3.37 -13.11 -5.69
CA ASP A 324 2.17 -13.89 -6.06
C ASP A 324 2.01 -14.24 -7.53
N SER A 325 3.04 -13.94 -8.32
CA SER A 325 3.06 -14.25 -9.75
C SER A 325 4.47 -14.61 -10.22
N ILE A 326 4.54 -15.38 -11.29
CA ILE A 326 5.80 -15.75 -11.92
C ILE A 326 5.65 -15.25 -13.36
N GLY A 327 6.27 -14.12 -13.65
CA GLY A 327 6.00 -13.42 -14.90
C GLY A 327 4.50 -13.19 -14.99
N THR A 328 3.94 -13.50 -16.16
CA THR A 328 2.50 -13.31 -16.40
C THR A 328 1.61 -14.40 -15.76
N LYS A 329 2.22 -15.40 -15.13
CA LYS A 329 1.44 -16.49 -14.53
C LYS A 329 1.08 -16.18 -13.10
N GLN A 330 -0.21 -16.13 -12.80
CA GLN A 330 -0.70 -15.92 -11.45
C GLN A 330 -0.55 -17.20 -10.62
N PHE A 331 -0.02 -17.04 -9.42
CA PHE A 331 0.40 -18.16 -8.59
C PHE A 331 -0.44 -18.29 -7.32
N SER A 332 -0.66 -17.18 -6.62
CA SER A 332 -1.40 -17.19 -5.35
C SER A 332 -2.24 -15.91 -5.23
N GLY A 333 -1.86 -15.00 -4.34
CA GLY A 333 -2.49 -13.68 -4.26
C GLY A 333 -1.75 -12.86 -3.22
N VAL A 334 -2.07 -11.57 -3.11
CA VAL A 334 -1.46 -10.74 -2.06
C VAL A 334 -1.84 -11.25 -0.66
N GLY A 335 -3.06 -11.79 -0.52
CA GLY A 335 -3.53 -12.24 0.79
C GLY A 335 -3.38 -11.09 1.77
N GLY A 336 -2.75 -11.32 2.90
CA GLY A 336 -2.60 -10.29 3.94
C GLY A 336 -1.18 -9.75 4.03
N GLN A 337 -0.37 -10.01 3.00
CA GLN A 337 1.05 -9.64 3.06
C GLN A 337 1.23 -8.12 3.26
N VAL A 338 0.56 -7.35 2.40
CA VAL A 338 0.67 -5.88 2.45
C VAL A 338 -0.08 -5.32 3.67
N ASP A 339 -1.19 -5.96 4.06
CA ASP A 339 -1.94 -5.57 5.26
C ASP A 339 -1.00 -5.50 6.46
N PHE A 340 -0.23 -6.56 6.66
CA PHE A 340 0.68 -6.63 7.81
C PHE A 340 1.93 -5.78 7.64
N VAL A 341 2.41 -5.68 6.41
CA VAL A 341 3.54 -4.77 6.14
C VAL A 341 3.15 -3.33 6.57
N ARG A 342 2.00 -2.85 6.11
CA ARG A 342 1.51 -1.51 6.45
C ARG A 342 1.25 -1.35 7.94
N GLY A 343 0.59 -2.35 8.55
CA GLY A 343 0.36 -2.29 10.00
C GLY A 343 1.63 -2.12 10.82
N ALA A 344 2.67 -2.90 10.51
CA ALA A 344 3.97 -2.77 11.18
C ALA A 344 4.60 -1.40 10.95
N SER A 345 4.52 -0.90 9.72
CA SER A 345 5.05 0.42 9.38
C SER A 345 4.33 1.52 10.18
N MET A 346 3.03 1.35 10.37
CA MET A 346 2.19 2.33 11.05
C MET A 346 2.24 2.21 12.59
N SER A 347 3.02 1.24 13.10
CA SER A 347 2.99 0.92 14.53
C SER A 347 3.10 2.15 15.43
N ILE A 348 2.15 2.25 16.34
CA ILE A 348 2.08 3.37 17.27
C ILE A 348 3.31 3.43 18.20
N ASP A 349 3.86 2.26 18.53
CA ASP A 349 5.04 2.23 19.39
C ASP A 349 6.35 2.48 18.65
N GLY A 350 6.30 2.52 17.32
CA GLY A 350 7.49 2.73 16.46
C GLY A 350 8.41 1.53 16.41
N LYS A 351 7.92 0.38 16.89
CA LYS A 351 8.73 -0.82 17.05
C LYS A 351 8.41 -1.91 16.04
N GLY A 352 7.33 -1.73 15.28
CA GLY A 352 6.91 -2.74 14.29
C GLY A 352 7.95 -3.01 13.21
N LYS A 353 8.02 -4.27 12.78
CA LYS A 353 8.95 -4.71 11.74
C LYS A 353 8.23 -5.64 10.77
N ALA A 354 8.46 -5.47 9.48
CA ALA A 354 7.93 -6.42 8.51
C ALA A 354 9.09 -7.11 7.79
N ILE A 355 9.07 -8.43 7.84
CA ILE A 355 10.13 -9.23 7.23
C ILE A 355 9.57 -10.00 6.04
N ILE A 356 10.20 -9.80 4.89
CA ILE A 356 9.88 -10.57 3.68
C ILE A 356 11.08 -11.47 3.40
N ALA A 357 10.87 -12.78 3.37
CA ALA A 357 11.98 -13.74 3.26
C ALA A 357 11.82 -14.67 2.09
N MET A 358 12.95 -15.13 1.57
CA MET A 358 12.97 -16.07 0.44
C MET A 358 14.35 -16.73 0.34
N PRO A 359 14.38 -17.96 -0.21
CA PRO A 359 15.68 -18.51 -0.63
C PRO A 359 16.31 -17.57 -1.67
N SER A 360 17.64 -17.48 -1.66
CA SER A 360 18.36 -16.62 -2.59
C SER A 360 18.31 -17.12 -4.03
N VAL A 361 18.11 -18.44 -4.20
CA VAL A 361 18.11 -19.04 -5.54
C VAL A 361 17.01 -20.09 -5.71
N ALA A 362 16.70 -20.40 -6.96
CA ALA A 362 15.77 -21.47 -7.29
C ALA A 362 16.28 -22.22 -8.52
N LYS A 363 15.87 -23.48 -8.64
CA LYS A 363 16.16 -24.26 -9.84
C LYS A 363 14.91 -24.21 -10.72
N LYS A 364 15.03 -23.64 -11.91
CA LYS A 364 13.91 -23.53 -12.85
C LYS A 364 13.61 -24.87 -13.53
N LYS A 365 12.45 -24.94 -14.18
CA LYS A 365 11.97 -26.13 -14.90
C LYS A 365 13.00 -26.76 -15.84
N ASP A 366 13.80 -25.92 -16.50
CA ASP A 366 14.82 -26.40 -17.42
C ASP A 366 16.08 -26.89 -16.71
N GLY A 367 16.09 -26.83 -15.39
CA GLY A 367 17.22 -27.30 -14.60
C GLY A 367 18.26 -26.24 -14.29
N SER A 368 18.10 -25.05 -14.87
CA SER A 368 19.05 -23.97 -14.62
C SER A 368 18.79 -23.29 -13.27
N MET A 369 19.85 -22.75 -12.68
CA MET A 369 19.78 -22.06 -11.40
C MET A 369 19.52 -20.59 -11.66
N ILE A 370 18.59 -20.00 -10.92
CA ILE A 370 18.30 -18.57 -11.05
C ILE A 370 18.37 -17.83 -9.71
N SER A 371 18.83 -16.57 -9.77
CA SER A 371 18.80 -15.68 -8.61
C SER A 371 17.40 -15.14 -8.41
N LYS A 372 16.93 -15.16 -7.17
CA LYS A 372 15.67 -14.51 -6.83
C LYS A 372 15.87 -13.03 -6.44
N ILE A 373 17.13 -12.63 -6.27
CA ILE A 373 17.51 -11.21 -6.26
C ILE A 373 17.83 -10.85 -7.72
N VAL A 374 17.08 -9.92 -8.29
CA VAL A 374 17.14 -9.64 -9.74
C VAL A 374 17.26 -8.16 -10.00
N PRO A 375 17.92 -7.78 -11.12
CA PRO A 375 17.94 -6.36 -11.50
C PRO A 375 16.53 -5.82 -11.75
N PHE A 376 15.71 -6.59 -12.45
CA PHE A 376 14.35 -6.20 -12.83
C PHE A 376 13.43 -7.37 -12.59
N ILE A 377 12.18 -7.09 -12.23
CA ILE A 377 11.18 -8.15 -12.08
C ILE A 377 10.97 -8.88 -13.42
N ASP A 378 10.51 -10.12 -13.36
CA ASP A 378 10.15 -10.83 -14.59
C ASP A 378 9.12 -10.05 -15.38
N HIS A 379 9.24 -10.11 -16.71
CA HIS A 379 8.31 -9.43 -17.61
C HIS A 379 6.84 -9.75 -17.27
N GLY A 380 6.08 -8.71 -16.95
CA GLY A 380 4.64 -8.83 -16.67
C GLY A 380 4.26 -9.30 -15.28
N ALA A 381 5.27 -9.48 -14.41
CA ALA A 381 5.02 -9.83 -13.00
C ALA A 381 4.30 -8.71 -12.27
N ALA A 382 3.45 -9.08 -11.32
CA ALA A 382 2.77 -8.09 -10.47
C ALA A 382 3.62 -7.77 -9.27
N VAL A 383 3.83 -6.49 -9.01
CA VAL A 383 4.47 -6.08 -7.76
C VAL A 383 3.47 -6.28 -6.61
N THR A 384 3.85 -7.08 -5.61
CA THR A 384 2.96 -7.34 -4.47
C THR A 384 3.17 -6.27 -3.40
N THR A 385 4.40 -6.14 -2.92
CA THR A 385 4.75 -5.17 -1.91
C THR A 385 5.60 -4.13 -2.63
N SER A 386 5.05 -2.93 -2.78
CA SER A 386 5.69 -1.87 -3.58
C SER A 386 7.03 -1.46 -2.95
N ARG A 387 7.88 -0.79 -3.73
CA ARG A 387 9.15 -0.29 -3.20
C ARG A 387 8.98 0.65 -1.99
N ASN A 388 7.88 1.40 -1.98
CA ASN A 388 7.60 2.32 -0.85
C ASN A 388 7.14 1.57 0.40
N ASP A 389 6.57 0.37 0.20
CA ASP A 389 6.13 -0.50 1.31
C ASP A 389 7.28 -1.35 1.92
N ALA A 390 8.36 -1.57 1.16
CA ALA A 390 9.37 -2.58 1.55
C ALA A 390 10.04 -2.26 2.91
N ASP A 391 10.27 -3.30 3.71
CA ASP A 391 10.96 -3.13 4.99
C ASP A 391 12.20 -4.05 4.99
N TYR A 392 12.21 -5.13 5.77
CA TYR A 392 13.36 -6.05 5.77
C TYR A 392 13.18 -7.12 4.71
N VAL A 393 14.27 -7.48 4.05
CA VAL A 393 14.32 -8.63 3.14
C VAL A 393 15.38 -9.57 3.67
N VAL A 394 15.03 -10.85 3.78
CA VAL A 394 15.92 -11.86 4.36
C VAL A 394 16.07 -13.07 3.42
N THR A 395 17.31 -13.51 3.21
CA THR A 395 17.63 -14.79 2.59
C THR A 395 18.52 -15.59 3.55
N GLU A 396 18.94 -16.79 3.13
CA GLU A 396 19.86 -17.59 3.93
C GLU A 396 21.20 -16.88 4.14
N TYR A 397 21.48 -15.87 3.31
CA TYR A 397 22.74 -15.12 3.42
C TYR A 397 22.68 -13.87 4.30
N GLY A 398 21.49 -13.51 4.76
CA GLY A 398 21.39 -12.43 5.74
C GLY A 398 20.21 -11.50 5.58
N ILE A 399 20.35 -10.30 6.15
CA ILE A 399 19.26 -9.32 6.25
C ILE A 399 19.59 -8.06 5.45
N ALA A 400 18.62 -7.56 4.68
CA ALA A 400 18.79 -6.31 3.93
C ALA A 400 17.67 -5.35 4.33
N GLU A 401 18.05 -4.15 4.74
CA GLU A 401 17.08 -3.11 5.10
C GLU A 401 16.69 -2.24 3.91
N MET A 402 15.40 -2.17 3.60
CA MET A 402 14.89 -1.34 2.51
C MET A 402 14.39 0.01 3.02
N LYS A 403 13.84 0.01 4.24
CA LYS A 403 13.15 1.19 4.78
C LYS A 403 14.07 2.42 4.91
N GLY A 404 13.71 3.49 4.22
CA GLY A 404 14.51 4.73 4.23
C GLY A 404 15.84 4.65 3.50
N LYS A 405 16.04 3.58 2.73
CA LYS A 405 17.28 3.38 1.97
C LYS A 405 17.11 3.71 0.48
N SER A 406 18.15 4.28 -0.12
CA SER A 406 18.10 4.68 -1.53
C SER A 406 18.08 3.44 -2.42
N LEU A 407 17.66 3.62 -3.68
CA LEU A 407 17.67 2.54 -4.69
C LEU A 407 19.05 1.89 -4.75
N GLN A 408 20.10 2.71 -4.83
CA GLN A 408 21.45 2.17 -4.91
C GLN A 408 21.82 1.37 -3.66
N ASP A 409 21.48 1.91 -2.48
CA ASP A 409 21.83 1.23 -1.22
C ASP A 409 20.97 -0.02 -0.97
N ARG A 410 19.72 0.02 -1.44
CA ARG A 410 18.87 -1.17 -1.43
C ARG A 410 19.50 -2.28 -2.28
N ALA A 411 19.88 -1.94 -3.51
CA ALA A 411 20.47 -2.92 -4.43
C ALA A 411 21.78 -3.48 -3.88
N ARG A 412 22.58 -2.62 -3.24
CA ARG A 412 23.83 -3.08 -2.61
C ARG A 412 23.56 -4.11 -1.53
N ALA A 413 22.58 -3.80 -0.67
CA ALA A 413 22.20 -4.67 0.44
C ALA A 413 21.65 -5.99 -0.06
N LEU A 414 20.87 -5.95 -1.14
CA LEU A 414 20.26 -7.15 -1.72
C LEU A 414 21.31 -8.04 -2.40
N ILE A 415 22.23 -7.40 -3.11
CA ILE A 415 23.37 -8.15 -3.68
C ILE A 415 24.19 -8.82 -2.56
N ASN A 416 24.34 -8.12 -1.43
CA ASN A 416 25.07 -8.66 -0.28
C ASN A 416 24.46 -9.95 0.29
N ILE A 417 23.16 -10.13 0.07
CA ILE A 417 22.47 -11.35 0.53
C ILE A 417 22.08 -12.31 -0.61
N ALA A 418 22.60 -12.03 -1.80
CA ALA A 418 22.42 -12.92 -2.96
C ALA A 418 23.39 -14.11 -2.88
N HIS A 419 23.15 -15.15 -3.68
CA HIS A 419 24.02 -16.33 -3.66
C HIS A 419 25.40 -15.92 -4.21
N PRO A 420 26.49 -16.35 -3.55
CA PRO A 420 27.84 -15.98 -4.04
C PRO A 420 28.06 -16.18 -5.54
N ASP A 421 27.45 -17.21 -6.12
CA ASP A 421 27.61 -17.52 -7.56
C ASP A 421 27.02 -16.49 -8.50
N PHE A 422 26.11 -15.64 -8.00
CA PHE A 422 25.46 -14.62 -8.81
C PHE A 422 25.94 -13.20 -8.56
N LYS A 423 26.76 -13.00 -7.53
CA LYS A 423 27.10 -11.64 -7.09
C LYS A 423 27.77 -10.78 -8.16
N ASP A 424 28.72 -11.37 -8.90
CA ASP A 424 29.43 -10.61 -9.94
C ASP A 424 28.56 -10.21 -11.12
N GLU A 425 27.72 -11.13 -11.60
CA GLU A 425 26.76 -10.78 -12.64
C GLU A 425 25.79 -9.69 -12.15
N LEU A 426 25.38 -9.78 -10.88
CA LEU A 426 24.45 -8.81 -10.30
C LEU A 426 25.11 -7.42 -10.15
N LYS A 427 26.38 -7.39 -9.74
CA LYS A 427 27.14 -6.12 -9.70
C LYS A 427 27.36 -5.48 -11.08
N ALA A 428 27.58 -6.32 -12.10
CA ALA A 428 27.60 -5.84 -13.49
C ALA A 428 26.28 -5.15 -13.86
N GLU A 429 25.17 -5.78 -13.52
CA GLU A 429 23.84 -5.20 -13.74
C GLU A 429 23.62 -3.92 -12.92
N PHE A 430 24.14 -3.90 -11.70
CA PHE A 430 24.11 -2.69 -10.84
C PHE A 430 24.73 -1.49 -11.57
N GLU A 431 25.91 -1.70 -12.15
CA GLU A 431 26.65 -0.65 -12.86
C GLU A 431 25.87 -0.09 -14.04
N LYS A 432 25.24 -0.98 -14.78
CA LYS A 432 24.47 -0.60 -15.95
C LYS A 432 23.20 0.13 -15.55
N ARG A 433 22.56 -0.34 -14.49
CA ARG A 433 21.31 0.26 -13.99
C ARG A 433 21.52 1.64 -13.35
N PHE A 434 22.57 1.79 -12.56
CA PHE A 434 22.78 3.00 -11.75
C PHE A 434 23.91 3.92 -12.19
N ASN A 435 24.68 3.51 -13.20
CA ASN A 435 25.87 4.28 -13.62
C ASN A 435 26.80 4.59 -12.43
N ALA A 436 26.93 3.63 -11.51
CA ALA A 436 27.81 3.74 -10.37
C ALA A 436 28.42 2.39 -10.07
N ALA A 437 29.60 2.39 -9.46
CA ALA A 437 30.23 1.13 -9.04
C ALA A 437 29.63 0.66 -7.73
N PHE A 438 29.55 -0.66 -7.56
CA PHE A 438 29.04 -1.26 -6.33
C PHE A 438 29.74 -0.68 -5.09
N SER A 439 31.06 -0.53 -5.17
CA SER A 439 31.79 0.23 -4.18
C SER A 439 31.78 1.70 -4.62
N ALA A 440 31.15 2.55 -3.81
CA ALA A 440 31.03 3.98 -4.09
C ALA A 440 32.35 4.73 -3.82
N TRP A 441 33.47 4.01 -3.94
CA TRP A 441 34.80 4.52 -3.60
C TRP A 441 35.75 4.51 -4.80
N SER A 442 36.30 5.67 -5.15
CA SER A 442 37.37 5.74 -6.13
C SER A 442 38.67 6.12 -5.40
N HIS A 443 39.73 5.36 -5.65
CA HIS A 443 40.99 5.59 -4.94
C HIS A 443 42.08 6.05 -5.92
N PRO A 444 42.83 7.11 -5.57
CA PRO A 444 43.92 7.61 -6.43
C PRO A 444 44.97 6.53 -6.77
N GLN A 445 45.05 5.48 -5.94
CA GLN A 445 45.87 4.30 -6.25
C GLN A 445 45.56 3.70 -7.63
N PHE A 446 44.29 3.77 -8.03
CA PHE A 446 43.86 3.24 -9.32
C PHE A 446 43.36 4.36 -10.24
N GLU A 447 43.81 5.58 -9.94
CA GLU A 447 43.45 6.83 -10.62
C GLU A 447 41.97 7.18 -10.47
N MET B 1 10.96 39.05 25.42
CA MET B 1 11.42 39.21 26.83
C MET B 1 12.81 38.59 26.98
N ASP B 2 12.89 37.53 27.78
CA ASP B 2 14.09 36.70 27.86
C ASP B 2 14.43 36.14 26.46
N TRP B 3 13.40 35.78 25.70
CA TRP B 3 13.60 35.26 24.34
C TRP B 3 14.28 36.23 23.37
N LYS B 4 14.04 37.53 23.55
CA LYS B 4 14.65 38.55 22.67
C LYS B 4 16.18 38.51 22.75
N LYS B 5 16.71 38.26 23.95
CA LYS B 5 18.14 38.06 24.15
C LYS B 5 18.67 36.83 23.42
N ILE B 6 17.94 35.72 23.51
CA ILE B 6 18.28 34.48 22.78
C ILE B 6 18.36 34.75 21.27
N TYR B 7 17.33 35.39 20.73
CA TYR B 7 17.22 35.68 19.30
C TYR B 7 18.38 36.54 18.82
N GLU B 8 18.65 37.61 19.56
CA GLU B 8 19.73 38.56 19.20
C GLU B 8 21.10 37.90 19.28
N ASP B 9 21.34 37.12 20.32
CA ASP B 9 22.60 36.39 20.51
C ASP B 9 22.88 35.39 19.39
N ARG B 10 21.81 34.79 18.85
CA ARG B 10 21.95 33.73 17.84
C ARG B 10 21.80 34.23 16.39
N THR B 11 21.71 35.54 16.20
CA THR B 11 21.60 36.11 14.86
C THR B 11 22.98 36.24 14.21
N CYS B 12 23.11 35.76 12.96
CA CYS B 12 24.38 35.83 12.25
C CYS B 12 24.17 35.96 10.74
N THR B 13 25.27 35.89 9.98
CA THR B 13 25.18 35.90 8.53
C THR B 13 25.05 34.47 8.03
N ALA B 14 24.58 34.32 6.79
CA ALA B 14 24.39 33.01 6.16
C ALA B 14 25.72 32.25 6.04
N ASP B 15 26.77 32.96 5.61
CA ASP B 15 28.10 32.37 5.50
C ASP B 15 28.60 31.83 6.85
N GLU B 16 28.30 32.54 7.94
CA GLU B 16 28.62 32.09 9.30
C GLU B 16 27.79 30.88 9.73
N ALA B 17 26.49 30.91 9.42
CA ALA B 17 25.57 29.87 9.86
C ALA B 17 25.96 28.49 9.31
N VAL B 18 26.32 28.43 8.04
CA VAL B 18 26.61 27.14 7.38
C VAL B 18 27.93 26.50 7.79
N LYS B 19 28.72 27.24 8.59
CA LYS B 19 29.92 26.68 9.23
C LYS B 19 29.59 25.62 10.29
N SER B 20 28.32 25.56 10.70
CA SER B 20 27.88 24.54 11.65
C SER B 20 27.70 23.16 10.99
N ILE B 21 27.69 23.13 9.65
CA ILE B 21 27.70 21.88 8.89
C ILE B 21 29.13 21.34 8.81
N LYS B 22 29.27 20.04 9.06
CA LYS B 22 30.57 19.38 8.97
C LYS B 22 30.52 18.15 8.03
N SER B 23 31.69 17.73 7.56
CA SER B 23 31.82 16.58 6.68
C SER B 23 31.12 15.35 7.25
N GLY B 24 30.43 14.61 6.37
CA GLY B 24 29.66 13.44 6.78
C GLY B 24 28.28 13.72 7.36
N ASP B 25 27.95 15.00 7.56
CA ASP B 25 26.63 15.37 8.09
C ASP B 25 25.49 14.96 7.15
N ARG B 26 24.35 14.68 7.73
CA ARG B 26 23.10 14.61 6.97
C ARG B 26 22.37 15.94 7.16
N VAL B 27 22.22 16.68 6.06
CA VAL B 27 21.55 17.97 6.08
C VAL B 27 20.17 17.77 5.44
N LEU B 28 19.17 18.42 6.00
CA LEU B 28 17.82 18.37 5.45
C LEU B 28 17.28 19.79 5.30
N PHE B 29 16.63 20.07 4.16
CA PHE B 29 15.96 21.35 3.95
C PHE B 29 14.50 21.19 4.31
N ALA B 30 13.90 22.25 4.85
CA ALA B 30 12.45 22.33 4.99
C ALA B 30 11.76 22.17 3.65
N HIS B 31 10.56 21.61 3.70
CA HIS B 31 9.83 21.22 2.49
C HIS B 31 9.42 22.38 1.57
N CYS B 32 9.71 22.20 0.28
CA CYS B 32 9.09 22.97 -0.79
C CYS B 32 9.30 24.48 -0.64
N VAL B 33 8.23 25.23 -0.41
CA VAL B 33 8.31 26.71 -0.37
C VAL B 33 9.06 27.22 0.88
N ALA B 34 9.14 26.38 1.92
CA ALA B 34 9.87 26.74 3.14
C ALA B 34 11.38 26.53 3.06
N GLU B 35 11.89 26.08 1.92
CA GLU B 35 13.34 25.93 1.73
C GLU B 35 13.99 27.33 1.79
N PRO B 36 15.07 27.48 2.58
CA PRO B 36 15.73 28.79 2.76
C PRO B 36 16.82 29.08 1.72
N PRO B 37 16.49 29.86 0.67
CA PRO B 37 17.43 29.98 -0.46
C PRO B 37 18.77 30.62 -0.09
N VAL B 38 18.75 31.55 0.86
CA VAL B 38 19.96 32.25 1.28
C VAL B 38 20.91 31.31 2.03
N LEU B 39 20.35 30.43 2.85
CA LEU B 39 21.13 29.39 3.52
C LEU B 39 21.64 28.33 2.53
N VAL B 40 20.79 27.92 1.59
CA VAL B 40 21.18 26.96 0.55
C VAL B 40 22.33 27.52 -0.31
N GLU B 41 22.19 28.77 -0.73
CA GLU B 41 23.24 29.47 -1.48
C GLU B 41 24.58 29.48 -0.73
N ALA B 42 24.54 29.86 0.55
CA ALA B 42 25.74 29.88 1.41
C ALA B 42 26.41 28.49 1.54
N MET B 43 25.61 27.45 1.73
CA MET B 43 26.14 26.10 1.86
C MET B 43 26.86 25.69 0.58
N VAL B 44 26.21 25.92 -0.56
CA VAL B 44 26.79 25.66 -1.88
C VAL B 44 28.07 26.50 -2.12
N ALA B 45 28.01 27.79 -1.78
CA ALA B 45 29.19 28.65 -1.93
C ALA B 45 30.36 28.15 -1.05
N ASN B 46 30.04 27.47 0.05
CA ASN B 46 31.04 26.94 0.98
C ASN B 46 31.40 25.48 0.70
N ALA B 47 31.11 25.01 -0.51
CA ALA B 47 31.21 23.57 -0.86
C ALA B 47 32.57 22.93 -0.52
N ALA B 48 33.65 23.68 -0.75
CA ALA B 48 35.02 23.16 -0.51
C ALA B 48 35.35 22.88 0.96
N ALA B 49 34.51 23.37 1.88
CA ALA B 49 34.66 23.08 3.30
C ALA B 49 34.10 21.69 3.67
N TYR B 50 33.37 21.07 2.74
CA TYR B 50 32.63 19.85 3.03
C TYR B 50 33.07 18.64 2.23
N LYS B 51 33.11 17.48 2.88
CA LYS B 51 33.26 16.20 2.21
C LYS B 51 32.10 15.28 2.56
N ASN B 52 31.47 14.68 1.55
CA ASN B 52 30.40 13.69 1.76
C ASN B 52 29.28 14.13 2.71
N VAL B 53 28.74 15.33 2.45
CA VAL B 53 27.56 15.81 3.16
C VAL B 53 26.30 15.41 2.40
N THR B 54 25.43 14.62 3.04
CA THR B 54 24.15 14.25 2.45
C THR B 54 23.18 15.44 2.49
N VAL B 55 22.52 15.70 1.36
CA VAL B 55 21.53 16.77 1.27
C VAL B 55 20.20 16.15 0.88
N SER B 56 19.24 16.15 1.80
CA SER B 56 17.94 15.57 1.55
C SER B 56 16.86 16.62 1.50
N HIS B 57 15.81 16.32 0.74
CA HIS B 57 14.57 17.09 0.72
C HIS B 57 13.59 16.41 -0.23
N MET B 58 12.45 17.04 -0.44
CA MET B 58 11.46 16.51 -1.38
C MET B 58 11.38 17.43 -2.59
N VAL B 59 10.18 17.78 -3.04
CA VAL B 59 10.07 18.68 -4.19
C VAL B 59 10.76 20.03 -3.87
N THR B 60 11.52 20.56 -4.83
CA THR B 60 12.20 21.85 -4.65
C THR B 60 11.90 22.79 -5.81
N LEU B 61 11.79 24.08 -5.48
CA LEU B 61 11.63 25.13 -6.48
C LEU B 61 12.96 25.88 -6.63
N GLY B 62 13.96 25.43 -5.89
CA GLY B 62 15.31 26.00 -5.97
C GLY B 62 16.15 25.44 -7.09
N LYS B 63 17.41 25.86 -7.13
CA LYS B 63 18.30 25.54 -8.23
C LYS B 63 18.90 24.13 -8.17
N GLY B 64 18.88 23.51 -6.98
CA GLY B 64 19.46 22.17 -6.82
C GLY B 64 20.94 22.05 -7.17
N GLU B 65 21.68 23.14 -6.92
CA GLU B 65 23.10 23.23 -7.32
C GLU B 65 23.98 22.13 -6.73
N TYR B 66 23.75 21.81 -5.46
CA TYR B 66 24.50 20.78 -4.72
C TYR B 66 24.38 19.40 -5.41
N SER B 67 23.41 19.27 -6.32
CA SER B 67 23.15 17.98 -6.97
C SER B 67 23.93 17.82 -8.28
N LYS B 68 24.58 18.88 -8.73
CA LYS B 68 25.34 18.84 -9.99
C LYS B 68 26.63 18.04 -9.82
N PRO B 69 27.08 17.36 -10.90
CA PRO B 69 28.19 16.40 -10.82
C PRO B 69 29.48 16.99 -10.24
N GLU B 70 29.73 18.27 -10.50
CA GLU B 70 30.94 18.94 -10.01
C GLU B 70 31.02 18.98 -8.47
N TYR B 71 29.88 18.86 -7.80
CA TYR B 71 29.81 18.89 -6.34
C TYR B 71 29.79 17.51 -5.68
N LYS B 72 29.93 16.46 -6.48
CA LYS B 72 29.67 15.09 -5.99
C LYS B 72 30.62 14.61 -4.89
N GLU B 73 31.80 15.22 -4.79
CA GLU B 73 32.70 14.91 -3.66
C GLU B 73 32.32 15.67 -2.38
N ASN B 74 31.58 16.76 -2.53
CA ASN B 74 31.20 17.60 -1.40
C ASN B 74 29.82 17.22 -0.84
N PHE B 75 28.88 17.00 -1.75
CA PHE B 75 27.48 16.73 -1.40
C PHE B 75 27.03 15.45 -2.07
N THR B 76 26.14 14.71 -1.41
CA THR B 76 25.38 13.66 -2.08
C THR B 76 23.91 14.02 -1.94
N PHE B 77 23.25 14.31 -3.04
CA PHE B 77 21.82 14.56 -2.99
C PHE B 77 21.11 13.24 -2.71
N GLU B 78 20.26 13.24 -1.68
CA GLU B 78 19.39 12.11 -1.38
C GLU B 78 17.93 12.57 -1.39
N GLY B 79 17.30 12.46 -2.54
CA GLY B 79 15.93 12.94 -2.70
C GLY B 79 14.90 11.96 -2.16
N TRP B 80 13.89 12.49 -1.47
CA TRP B 80 12.75 11.69 -1.04
C TRP B 80 11.57 11.93 -1.99
N PHE B 81 11.81 12.79 -2.98
CA PHE B 81 10.87 13.17 -4.03
C PHE B 81 11.70 14.08 -4.92
N THR B 82 11.85 13.73 -6.20
CA THR B 82 12.70 14.53 -7.05
C THR B 82 11.92 15.52 -7.92
N SER B 83 12.65 16.40 -8.60
CA SER B 83 12.08 17.47 -9.43
C SER B 83 13.09 17.90 -10.52
N PRO B 84 12.68 18.79 -11.46
CA PRO B 84 13.55 19.10 -12.60
C PRO B 84 14.99 19.46 -12.26
N SER B 85 15.20 20.19 -11.17
CA SER B 85 16.56 20.66 -10.83
C SER B 85 17.45 19.63 -10.12
N THR B 86 16.88 18.51 -9.68
CA THR B 86 17.64 17.47 -8.99
C THR B 86 17.57 16.06 -9.63
N ARG B 87 16.59 15.83 -10.50
CA ARG B 87 16.43 14.47 -11.07
C ARG B 87 17.60 14.04 -11.95
N GLY B 88 18.32 15.01 -12.53
CA GLY B 88 19.49 14.69 -13.37
C GLY B 88 20.53 13.88 -12.62
N SER B 89 20.76 14.23 -11.37
CA SER B 89 21.76 13.57 -10.53
C SER B 89 21.45 12.08 -10.29
N ILE B 90 20.16 11.77 -10.17
CA ILE B 90 19.73 10.40 -9.94
C ILE B 90 19.96 9.57 -11.21
N ALA B 91 19.60 10.13 -12.36
CA ALA B 91 19.85 9.50 -13.67
C ALA B 91 21.35 9.28 -13.94
N GLU B 92 22.17 10.25 -13.56
CA GLU B 92 23.61 10.19 -13.81
C GLU B 92 24.38 9.32 -12.81
N GLY B 93 23.81 9.07 -11.63
CA GLY B 93 24.39 8.13 -10.69
C GLY B 93 25.00 8.69 -9.42
N HIS B 94 25.28 10.00 -9.40
CA HIS B 94 25.90 10.63 -8.23
C HIS B 94 24.85 11.13 -7.22
N GLY B 95 23.59 11.21 -7.65
CA GLY B 95 22.48 11.55 -6.76
C GLY B 95 21.72 10.29 -6.40
N GLN B 96 21.05 10.31 -5.25
CA GLN B 96 20.34 9.13 -4.74
C GLN B 96 18.87 9.44 -4.56
N PHE B 97 18.05 8.39 -4.56
CA PHE B 97 16.61 8.50 -4.41
C PHE B 97 16.10 7.44 -3.42
N VAL B 98 15.35 7.89 -2.41
CA VAL B 98 14.72 6.99 -1.46
C VAL B 98 13.22 6.92 -1.74
N PRO B 99 12.70 5.72 -2.03
CA PRO B 99 11.25 5.54 -2.13
C PRO B 99 10.63 5.55 -0.73
N VAL B 100 9.83 6.58 -0.42
CA VAL B 100 9.20 6.71 0.90
C VAL B 100 7.85 7.41 0.78
N PHE B 101 6.83 6.84 1.44
CA PHE B 101 5.51 7.45 1.52
C PHE B 101 5.64 8.76 2.29
N PHE B 102 4.96 9.79 1.80
CA PHE B 102 5.01 11.10 2.43
C PHE B 102 4.59 11.03 3.90
N HIS B 103 3.49 10.34 4.23
CA HIS B 103 3.04 10.27 5.62
C HIS B 103 4.07 9.62 6.57
N GLU B 104 4.94 8.78 6.01
CA GLU B 104 5.90 8.05 6.82
C GLU B 104 7.17 8.83 7.15
N VAL B 105 7.40 9.95 6.46
CA VAL B 105 8.67 10.70 6.63
C VAL B 105 8.94 11.09 8.10
N PRO B 106 7.95 11.69 8.81
CA PRO B 106 8.18 12.01 10.23
C PRO B 106 8.53 10.79 11.09
N SER B 107 7.88 9.66 10.84
CA SER B 107 8.25 8.43 11.54
C SER B 107 9.71 8.04 11.30
N LEU B 108 10.18 8.14 10.06
CA LEU B 108 11.56 7.75 9.74
C LEU B 108 12.55 8.71 10.39
N ILE B 109 12.17 9.98 10.48
CA ILE B 109 12.95 10.95 11.27
C ILE B 109 13.02 10.55 12.75
N ARG B 110 11.87 10.31 13.38
CA ARG B 110 11.80 9.89 14.79
C ARG B 110 12.60 8.63 15.08
N LYS B 111 12.57 7.68 14.14
CA LYS B 111 13.28 6.38 14.29
C LYS B 111 14.79 6.53 14.05
N ASP B 112 15.19 7.72 13.61
CA ASP B 112 16.59 8.03 13.28
C ASP B 112 17.10 7.27 12.06
N ILE B 113 16.17 6.79 11.23
CA ILE B 113 16.52 6.24 9.93
C ILE B 113 16.86 7.41 8.99
N PHE B 114 16.02 8.44 9.02
CA PHE B 114 16.30 9.75 8.45
C PHE B 114 16.92 10.65 9.54
N HIS B 115 18.13 10.31 9.96
CA HIS B 115 18.88 11.11 10.94
C HIS B 115 19.13 12.51 10.36
N VAL B 116 18.97 13.53 11.19
CA VAL B 116 19.21 14.90 10.74
C VAL B 116 20.25 15.59 11.63
N ASP B 117 21.44 15.83 11.06
CA ASP B 117 22.48 16.57 11.77
C ASP B 117 22.20 18.07 11.74
N VAL B 118 21.82 18.57 10.56
CA VAL B 118 21.51 20.01 10.41
C VAL B 118 20.22 20.15 9.61
N PHE B 119 19.25 20.88 10.16
CA PHE B 119 18.01 21.20 9.45
C PHE B 119 18.00 22.68 9.10
N MET B 120 17.78 23.00 7.83
CA MET B 120 17.74 24.40 7.39
C MET B 120 16.33 24.77 6.96
N VAL B 121 15.79 25.83 7.56
CA VAL B 121 14.37 26.18 7.41
C VAL B 121 14.19 27.69 7.28
N MET B 122 13.28 28.10 6.39
CA MET B 122 12.87 29.50 6.31
C MET B 122 11.63 29.71 7.20
N VAL B 123 11.67 30.76 8.02
CA VAL B 123 10.56 31.09 8.91
C VAL B 123 10.30 32.60 8.90
N SER B 124 9.11 33.01 9.36
CA SER B 124 8.80 34.41 9.64
C SER B 124 9.56 34.88 10.89
N PRO B 125 9.80 36.20 11.04
CA PRO B 125 10.32 36.67 12.33
C PRO B 125 9.33 36.41 13.48
N PRO B 126 9.86 36.33 14.72
CA PRO B 126 9.01 35.92 15.84
C PRO B 126 7.85 36.87 16.14
N ASP B 127 6.76 36.30 16.65
CA ASP B 127 5.70 37.10 17.23
C ASP B 127 6.15 37.61 18.60
N HIS B 128 5.22 38.22 19.33
CA HIS B 128 5.50 38.89 20.60
C HIS B 128 6.01 37.94 21.68
N ASN B 129 5.63 36.67 21.55
CA ASN B 129 6.02 35.63 22.50
C ASN B 129 7.22 34.79 22.06
N GLY B 130 7.84 35.19 20.95
CA GLY B 130 9.04 34.52 20.47
C GLY B 130 8.81 33.32 19.56
N PHE B 131 7.61 33.19 19.01
CA PHE B 131 7.29 32.08 18.09
C PHE B 131 7.39 32.53 16.64
N CYS B 132 8.25 31.85 15.89
CA CYS B 132 8.37 32.06 14.44
C CYS B 132 7.38 31.13 13.74
N CYS B 133 7.00 31.46 12.52
CA CYS B 133 6.06 30.64 11.75
C CYS B 133 6.71 30.15 10.47
N VAL B 134 6.55 28.85 10.17
CA VAL B 134 7.03 28.28 8.91
C VAL B 134 6.15 28.76 7.75
N GLY B 135 4.85 28.97 8.03
CA GLY B 135 3.93 29.65 7.12
C GLY B 135 3.34 28.80 6.00
N VAL B 136 4.22 28.08 5.31
CA VAL B 136 3.82 27.40 4.07
C VAL B 136 4.08 25.89 4.07
N SER B 137 4.65 25.38 5.17
CA SER B 137 4.96 23.97 5.31
C SER B 137 4.76 23.56 6.78
N SER B 138 4.18 22.38 7.00
CA SER B 138 4.10 21.76 8.31
C SER B 138 4.70 20.37 8.08
N ASP B 139 4.05 19.61 7.20
CA ASP B 139 4.58 18.35 6.63
C ASP B 139 5.55 17.54 7.49
N TYR B 140 6.82 17.40 7.07
CA TYR B 140 7.87 16.80 7.90
C TYR B 140 8.72 17.86 8.60
N THR B 141 8.52 19.11 8.21
CA THR B 141 9.29 20.25 8.74
C THR B 141 9.24 20.34 10.27
N MET B 142 8.05 20.20 10.84
CA MET B 142 7.88 20.26 12.30
C MET B 142 8.63 19.16 13.05
N GLN B 143 8.58 17.92 12.56
CA GLN B 143 9.35 16.84 13.19
C GLN B 143 10.86 17.06 13.07
N ALA B 144 11.28 17.54 11.90
CA ALA B 144 12.69 17.79 11.63
C ALA B 144 13.25 18.82 12.63
N ILE B 145 12.44 19.83 12.96
CA ILE B 145 12.85 20.87 13.92
C ILE B 145 13.15 20.24 15.28
N LYS B 146 12.26 19.37 15.74
CA LYS B 146 12.43 18.68 17.03
C LYS B 146 13.60 17.71 17.02
N SER B 147 13.78 16.96 15.94
CA SER B 147 14.79 15.91 15.87
C SER B 147 16.19 16.32 15.44
N ALA B 148 16.31 17.41 14.67
CA ALA B 148 17.62 17.82 14.17
C ALA B 148 18.57 18.19 15.31
N LYS B 149 19.85 17.86 15.14
CA LYS B 149 20.86 18.21 16.14
C LYS B 149 21.09 19.73 16.18
N ILE B 150 21.08 20.34 14.99
CA ILE B 150 21.20 21.79 14.82
C ILE B 150 20.12 22.29 13.86
N VAL B 151 19.43 23.36 14.24
CA VAL B 151 18.46 24.01 13.35
C VAL B 151 18.98 25.38 12.94
N LEU B 152 19.13 25.61 11.64
CA LEU B 152 19.48 26.93 11.10
C LEU B 152 18.24 27.55 10.43
N ALA B 153 17.93 28.79 10.80
CA ALA B 153 16.73 29.44 10.29
C ALA B 153 17.05 30.69 9.49
N GLU B 154 16.46 30.76 8.30
CA GLU B 154 16.41 31.98 7.54
C GLU B 154 15.11 32.68 7.96
N VAL B 155 15.28 33.84 8.57
CA VAL B 155 14.15 34.61 9.06
C VAL B 155 13.77 35.63 7.99
N ASN B 156 12.70 35.33 7.26
CA ASN B 156 12.27 36.11 6.11
C ASN B 156 10.92 36.77 6.40
N ASP B 157 10.91 38.10 6.45
CA ASP B 157 9.67 38.82 6.81
C ASP B 157 8.57 38.82 5.74
N GLN B 158 8.79 38.08 4.65
CA GLN B 158 7.73 37.88 3.67
C GLN B 158 6.98 36.53 3.84
N VAL B 159 7.41 35.72 4.81
CA VAL B 159 6.72 34.45 5.16
C VAL B 159 5.39 34.75 5.87
N PRO B 160 4.27 34.15 5.42
CA PRO B 160 3.00 34.42 6.10
C PRO B 160 2.87 33.68 7.43
N VAL B 161 2.03 34.21 8.31
CA VAL B 161 1.64 33.52 9.53
C VAL B 161 0.36 32.76 9.20
N VAL B 162 0.44 31.43 9.22
CA VAL B 162 -0.70 30.54 8.93
C VAL B 162 -0.93 29.60 10.12
N TYR B 163 -2.19 29.39 10.48
CA TYR B 163 -2.56 28.63 11.66
C TYR B 163 -2.23 27.14 11.56
N GLY B 164 -2.14 26.51 12.73
CA GLY B 164 -1.92 25.08 12.83
C GLY B 164 -0.57 24.80 13.47
N ASP B 165 0.01 23.66 13.11
CA ASP B 165 1.28 23.24 13.65
C ASP B 165 2.39 23.76 12.75
N THR B 166 2.69 25.05 12.90
CA THR B 166 3.60 25.78 12.03
C THR B 166 4.56 26.65 12.85
N PHE B 167 4.44 26.58 14.18
CA PHE B 167 5.18 27.51 15.06
C PHE B 167 6.36 26.91 15.76
N VAL B 168 7.46 27.66 15.77
CA VAL B 168 8.69 27.23 16.42
C VAL B 168 9.23 28.36 17.28
N HIS B 169 9.48 28.08 18.56
CA HIS B 169 10.00 29.10 19.46
C HIS B 169 11.47 29.38 19.16
N VAL B 170 11.92 30.61 19.35
CA VAL B 170 13.32 30.94 19.07
C VAL B 170 14.29 30.06 19.85
N SER B 171 13.88 29.59 21.03
CA SER B 171 14.74 28.75 21.88
C SER B 171 15.05 27.37 21.26
N GLU B 172 14.27 27.00 20.24
CA GLU B 172 14.44 25.72 19.51
C GLU B 172 15.39 25.86 18.31
N ILE B 173 15.83 27.08 18.03
CA ILE B 173 16.64 27.35 16.84
C ILE B 173 18.05 27.76 17.24
N ASP B 174 19.06 27.25 16.53
CA ASP B 174 20.46 27.51 16.89
C ASP B 174 21.02 28.82 16.33
N LYS B 175 20.67 29.13 15.08
CA LYS B 175 21.14 30.34 14.40
C LYS B 175 20.03 30.96 13.55
N PHE B 176 20.03 32.29 13.50
CA PHE B 176 19.05 33.07 12.73
C PHE B 176 19.78 33.93 11.71
N VAL B 177 19.29 33.92 10.46
CA VAL B 177 19.84 34.76 9.40
C VAL B 177 18.72 35.61 8.80
N GLU B 178 18.75 36.92 9.04
CA GLU B 178 17.65 37.80 8.64
C GLU B 178 17.68 38.18 7.15
N THR B 179 16.55 37.99 6.48
CA THR B 179 16.41 38.30 5.07
C THR B 179 15.02 38.86 4.78
N SER B 180 14.81 39.30 3.54
CA SER B 180 13.52 39.78 3.07
C SER B 180 13.45 39.60 1.57
N HIS B 181 12.66 38.63 1.12
CA HIS B 181 12.47 38.37 -0.30
C HIS B 181 11.16 37.62 -0.50
N PRO B 182 10.51 37.81 -1.66
CA PRO B 182 9.28 37.06 -1.91
C PRO B 182 9.49 35.55 -1.93
N LEU B 183 8.42 34.81 -1.65
CA LEU B 183 8.44 33.35 -1.70
C LEU B 183 8.32 32.87 -3.15
N PRO B 184 8.86 31.68 -3.46
CA PRO B 184 8.77 31.21 -4.84
C PRO B 184 7.32 30.91 -5.21
N GLU B 185 6.98 31.13 -6.48
CA GLU B 185 5.61 30.88 -6.95
C GLU B 185 5.62 29.90 -8.11
N ILE B 186 4.48 29.23 -8.31
CA ILE B 186 4.25 28.43 -9.51
C ILE B 186 3.13 29.04 -10.33
N GLY B 187 3.27 29.01 -11.66
CA GLY B 187 2.28 29.60 -12.54
C GLY B 187 1.04 28.74 -12.66
N LEU B 188 -0.05 29.34 -13.13
CA LEU B 188 -1.28 28.60 -13.37
C LEU B 188 -1.17 27.90 -14.73
N PRO B 189 -1.56 26.61 -14.79
CA PRO B 189 -1.38 25.82 -16.03
C PRO B 189 -2.43 26.14 -17.09
N LYS B 190 -2.10 25.84 -18.34
CA LYS B 190 -3.09 25.88 -19.43
C LYS B 190 -3.92 24.60 -19.39
N ILE B 191 -5.24 24.76 -19.52
CA ILE B 191 -6.15 23.62 -19.55
C ILE B 191 -6.60 23.35 -20.98
N GLY B 192 -6.22 22.20 -21.51
CA GLY B 192 -6.64 21.79 -22.84
C GLY B 192 -7.96 21.04 -22.80
N GLU B 193 -8.46 20.69 -23.99
CA GLU B 193 -9.70 19.93 -24.08
C GLU B 193 -9.58 18.55 -23.42
N VAL B 194 -8.40 17.92 -23.55
CA VAL B 194 -8.12 16.66 -22.87
C VAL B 194 -8.33 16.76 -21.34
N GLU B 195 -7.68 17.75 -20.72
CA GLU B 195 -7.82 17.97 -19.27
C GLU B 195 -9.22 18.39 -18.86
N ALA B 196 -9.86 19.23 -19.69
CA ALA B 196 -11.24 19.63 -19.44
C ALA B 196 -12.17 18.42 -19.39
N ALA B 197 -11.99 17.49 -20.32
CA ALA B 197 -12.79 16.26 -20.36
C ALA B 197 -12.54 15.39 -19.13
N ILE B 198 -11.26 15.24 -18.76
CA ILE B 198 -10.90 14.53 -17.52
C ILE B 198 -11.59 15.13 -16.29
N GLY B 199 -11.57 16.46 -16.19
CA GLY B 199 -12.25 17.17 -15.10
C GLY B 199 -13.74 16.90 -15.04
N LYS B 200 -14.39 16.86 -16.20
CA LYS B 200 -15.82 16.57 -16.29
C LYS B 200 -16.14 15.15 -15.81
N HIS B 201 -15.34 14.18 -16.22
CA HIS B 201 -15.51 12.80 -15.73
C HIS B 201 -15.30 12.69 -14.21
N CYS B 202 -14.26 13.36 -13.71
CA CYS B 202 -13.95 13.38 -12.28
C CYS B 202 -15.08 14.03 -11.47
N ALA B 203 -15.60 15.14 -12.00
CA ALA B 203 -16.70 15.86 -11.37
C ALA B 203 -17.96 15.02 -11.20
N SER B 204 -18.22 14.12 -12.15
CA SER B 204 -19.39 13.22 -12.11
C SER B 204 -19.34 12.21 -10.95
N LEU B 205 -18.17 12.06 -10.33
CA LEU B 205 -17.98 11.13 -9.23
C LEU B 205 -18.03 11.83 -7.87
N ILE B 206 -18.17 13.15 -7.89
CA ILE B 206 -18.10 13.97 -6.69
C ILE B 206 -19.48 14.46 -6.29
N GLU B 207 -19.99 13.99 -5.15
CA GLU B 207 -21.28 14.48 -4.68
C GLU B 207 -21.15 15.68 -3.74
N ASP B 208 -22.27 16.38 -3.51
CA ASP B 208 -22.30 17.46 -2.55
C ASP B 208 -21.79 16.96 -1.20
N GLY B 209 -21.04 17.80 -0.49
CA GLY B 209 -20.53 17.43 0.82
C GLY B 209 -19.26 16.59 0.82
N SER B 210 -18.74 16.30 -0.37
CA SER B 210 -17.49 15.53 -0.49
C SER B 210 -16.32 16.28 0.15
N THR B 211 -15.42 15.53 0.80
CA THR B 211 -14.15 16.06 1.27
C THR B 211 -13.09 15.75 0.21
N LEU B 212 -12.41 16.78 -0.30
CA LEU B 212 -11.49 16.61 -1.42
C LEU B 212 -10.02 16.62 -1.03
N GLN B 213 -9.26 15.79 -1.74
CA GLN B 213 -7.81 15.94 -1.82
C GLN B 213 -7.43 16.06 -3.30
N LEU B 214 -6.63 17.06 -3.62
CA LEU B 214 -6.05 17.20 -4.97
C LEU B 214 -4.80 18.05 -4.95
N GLY B 215 -4.05 18.00 -6.05
CA GLY B 215 -2.77 18.70 -6.11
C GLY B 215 -2.79 19.91 -7.03
N ILE B 216 -1.71 20.06 -7.78
CA ILE B 216 -1.55 21.16 -8.72
C ILE B 216 -1.39 20.63 -10.15
N GLY B 217 -1.64 21.49 -11.11
CA GLY B 217 -1.53 21.13 -12.52
C GLY B 217 -2.85 21.25 -13.24
N ALA B 218 -2.83 20.99 -14.54
CA ALA B 218 -4.01 21.15 -15.37
C ALA B 218 -5.16 20.22 -14.98
N ILE B 219 -4.82 18.99 -14.57
CA ILE B 219 -5.87 18.02 -14.20
C ILE B 219 -6.70 18.47 -12.98
N PRO B 220 -6.06 18.70 -11.81
CA PRO B 220 -6.89 19.18 -10.71
C PRO B 220 -7.55 20.53 -10.96
N ASP B 221 -6.88 21.42 -11.69
CA ASP B 221 -7.51 22.71 -12.02
C ASP B 221 -8.76 22.53 -12.88
N ALA B 222 -8.67 21.57 -13.81
CA ALA B 222 -9.82 21.20 -14.66
C ALA B 222 -10.96 20.64 -13.83
N VAL B 223 -10.63 19.76 -12.88
CA VAL B 223 -11.62 19.20 -11.96
C VAL B 223 -12.34 20.32 -11.20
N LEU B 224 -11.56 21.22 -10.59
CA LEU B 224 -12.11 22.33 -9.80
C LEU B 224 -13.06 23.20 -10.63
N SER B 225 -12.68 23.48 -11.88
CA SER B 225 -13.49 24.29 -12.80
C SER B 225 -14.85 23.66 -13.10
N GLN B 226 -14.96 22.35 -12.89
CA GLN B 226 -16.18 21.61 -13.19
C GLN B 226 -17.03 21.33 -11.95
N LEU B 227 -16.67 21.96 -10.84
CA LEU B 227 -17.33 21.76 -9.54
C LEU B 227 -18.22 22.93 -9.12
N LYS B 228 -18.42 23.88 -10.03
CA LYS B 228 -19.16 25.11 -9.72
C LYS B 228 -20.65 24.88 -9.43
N ASP B 229 -21.16 23.70 -9.80
CA ASP B 229 -22.53 23.32 -9.51
C ASP B 229 -22.66 22.51 -8.20
N LYS B 230 -21.54 22.22 -7.56
CA LYS B 230 -21.55 21.42 -6.33
C LYS B 230 -21.71 22.29 -5.09
N LYS B 231 -22.07 21.67 -3.97
CA LYS B 231 -22.36 22.39 -2.74
C LYS B 231 -21.68 21.77 -1.52
N HIS B 232 -21.24 22.62 -0.60
CA HIS B 232 -20.74 22.22 0.73
C HIS B 232 -19.54 21.26 0.70
N LEU B 233 -18.66 21.44 -0.29
CA LEU B 233 -17.44 20.66 -0.37
C LEU B 233 -16.47 21.04 0.75
N GLY B 234 -15.65 20.09 1.18
CA GLY B 234 -14.66 20.31 2.22
C GLY B 234 -13.29 19.94 1.70
N ILE B 235 -12.27 20.26 2.48
CA ILE B 235 -10.88 20.00 2.07
C ILE B 235 -10.13 19.26 3.16
N HIS B 236 -9.55 18.12 2.79
CA HIS B 236 -8.55 17.45 3.59
C HIS B 236 -7.52 16.95 2.58
N SER B 237 -6.43 17.68 2.46
CA SER B 237 -5.58 17.54 1.27
C SER B 237 -4.15 17.80 1.65
N GLU B 238 -3.23 17.12 0.97
CA GLU B 238 -1.82 17.35 1.19
C GLU B 238 -1.52 18.85 0.98
N MET B 239 -2.01 19.39 -0.13
CA MET B 239 -1.90 20.83 -0.40
C MET B 239 -3.20 21.40 -0.97
N ILE B 240 -3.34 22.72 -0.91
CA ILE B 240 -4.28 23.43 -1.76
C ILE B 240 -3.53 24.38 -2.69
N SER B 241 -4.20 24.73 -3.78
CA SER B 241 -3.69 25.54 -4.88
C SER B 241 -4.50 26.83 -5.02
N ASP B 242 -4.07 27.73 -5.89
CA ASP B 242 -4.89 28.88 -6.28
C ASP B 242 -6.30 28.49 -6.71
N GLY B 243 -6.42 27.37 -7.42
CA GLY B 243 -7.73 26.86 -7.87
C GLY B 243 -8.73 26.64 -6.75
N VAL B 244 -8.25 26.12 -5.61
CA VAL B 244 -9.11 25.90 -4.44
C VAL B 244 -9.62 27.24 -3.90
N VAL B 245 -8.75 28.24 -3.88
CA VAL B 245 -9.15 29.58 -3.41
C VAL B 245 -10.34 30.09 -4.26
N ASP B 246 -10.22 29.96 -5.58
CA ASP B 246 -11.29 30.32 -6.52
C ASP B 246 -12.61 29.65 -6.17
N LEU B 247 -12.57 28.34 -5.91
CA LEU B 247 -13.79 27.59 -5.61
C LEU B 247 -14.35 27.96 -4.24
N TYR B 248 -13.47 28.28 -3.30
CA TYR B 248 -13.89 28.79 -1.99
C TYR B 248 -14.63 30.13 -2.12
N GLU B 249 -14.06 31.07 -2.87
CA GLU B 249 -14.72 32.37 -3.02
C GLU B 249 -15.92 32.35 -3.96
N ALA B 250 -16.05 31.28 -4.74
CA ALA B 250 -17.30 30.97 -5.46
C ALA B 250 -18.40 30.41 -4.53
N GLY B 251 -18.05 30.06 -3.30
CA GLY B 251 -19.02 29.55 -2.32
C GLY B 251 -19.26 28.04 -2.35
N VAL B 252 -18.50 27.33 -3.19
CA VAL B 252 -18.66 25.89 -3.36
C VAL B 252 -18.01 25.10 -2.21
N ILE B 253 -16.80 25.48 -1.84
CA ILE B 253 -16.07 24.86 -0.73
C ILE B 253 -16.36 25.68 0.52
N ASP B 254 -16.99 25.07 1.53
CA ASP B 254 -17.25 25.75 2.80
C ASP B 254 -16.90 24.91 4.05
N CYS B 255 -16.48 23.65 3.82
CA CYS B 255 -16.07 22.74 4.90
C CYS B 255 -17.12 22.52 5.99
N SER B 256 -18.39 22.68 5.63
CA SER B 256 -19.48 22.62 6.61
C SER B 256 -19.99 21.21 6.87
N GLN B 257 -19.60 20.26 6.02
CA GLN B 257 -20.07 18.88 6.14
C GLN B 257 -18.93 17.88 6.43
N LYS B 258 -17.82 18.38 6.94
CA LYS B 258 -16.70 17.55 7.33
C LYS B 258 -16.98 16.80 8.63
N SER B 259 -16.38 15.63 8.76
CA SER B 259 -16.47 14.82 9.97
C SER B 259 -15.42 15.21 11.01
N ILE B 260 -14.24 15.61 10.56
CA ILE B 260 -13.15 16.05 11.44
C ILE B 260 -12.61 17.40 10.97
N ASP B 261 -11.98 18.16 11.87
CA ASP B 261 -11.48 19.50 11.54
C ASP B 261 -12.56 20.32 10.81
N LYS B 262 -13.75 20.37 11.41
CA LYS B 262 -14.92 20.99 10.77
C LYS B 262 -14.70 22.48 10.54
N GLY B 263 -15.20 22.98 9.41
CA GLY B 263 -15.11 24.40 9.07
C GLY B 263 -13.75 24.89 8.61
N LYS B 264 -12.78 23.97 8.51
CA LYS B 264 -11.39 24.29 8.15
C LYS B 264 -10.90 23.44 6.98
N MET B 265 -10.12 24.06 6.09
CA MET B 265 -9.33 23.34 5.11
C MET B 265 -8.08 22.82 5.81
N ALA B 266 -7.98 21.50 5.93
CA ALA B 266 -6.84 20.87 6.60
C ALA B 266 -5.80 20.43 5.57
N ILE B 267 -4.60 20.98 5.66
CA ILE B 267 -3.56 20.76 4.66
C ILE B 267 -2.20 20.52 5.33
N THR B 268 -1.22 20.09 4.55
CA THR B 268 0.10 19.89 5.13
C THR B 268 1.16 20.84 4.57
N PHE B 269 0.92 21.39 3.37
CA PHE B 269 1.79 22.44 2.80
C PHE B 269 1.05 23.28 1.77
N LEU B 270 1.69 24.39 1.37
CA LEU B 270 1.14 25.32 0.39
C LEU B 270 2.13 25.54 -0.75
N MET B 271 1.61 25.62 -1.97
CA MET B 271 2.42 25.90 -3.15
C MET B 271 1.50 26.50 -4.21
N GLY B 272 1.83 27.72 -4.66
CA GLY B 272 0.98 28.42 -5.64
C GLY B 272 1.52 29.80 -5.97
N THR B 273 0.62 30.77 -6.13
CA THR B 273 1.06 32.14 -6.34
C THR B 273 1.00 32.86 -5.00
N LYS B 274 1.53 34.10 -4.94
CA LYS B 274 1.39 34.92 -3.73
C LYS B 274 -0.06 35.10 -3.30
N ARG B 275 -1.01 35.07 -4.25
CA ARG B 275 -2.44 35.11 -3.91
C ARG B 275 -2.85 34.00 -2.92
N LEU B 276 -2.32 32.79 -3.12
CA LEU B 276 -2.56 31.68 -2.19
C LEU B 276 -1.96 31.92 -0.81
N TYR B 277 -0.71 32.40 -0.80
CA TYR B 277 0.00 32.66 0.44
C TYR B 277 -0.73 33.74 1.25
N ASP B 278 -1.21 34.78 0.57
CA ASP B 278 -1.98 35.85 1.21
C ASP B 278 -3.33 35.36 1.74
N PHE B 279 -4.01 34.55 0.94
CA PHE B 279 -5.26 33.94 1.37
C PHE B 279 -5.10 33.14 2.65
N ALA B 280 -4.10 32.27 2.68
CA ALA B 280 -3.90 31.34 3.78
C ALA B 280 -3.55 32.06 5.09
N ALA B 281 -2.89 33.21 4.97
CA ALA B 281 -2.39 33.97 6.10
C ALA B 281 -3.52 34.38 7.04
N ASN B 282 -3.32 34.14 8.34
CA ASN B 282 -4.25 34.58 9.40
C ASN B 282 -5.71 34.32 9.02
N ASN B 283 -5.98 33.09 8.61
CA ASN B 283 -7.27 32.70 8.05
C ASN B 283 -7.82 31.50 8.82
N PRO B 284 -8.89 31.71 9.61
CA PRO B 284 -9.53 30.64 10.39
C PRO B 284 -10.02 29.46 9.53
N LYS B 285 -10.15 29.67 8.22
CA LYS B 285 -10.61 28.62 7.30
C LYS B 285 -9.49 27.69 6.83
N VAL B 286 -8.25 28.00 7.19
CA VAL B 286 -7.07 27.23 6.76
C VAL B 286 -6.26 26.82 7.99
N GLU B 287 -5.86 25.54 8.02
CA GLU B 287 -5.00 25.05 9.08
C GLU B 287 -3.99 24.04 8.55
N LEU B 288 -2.72 24.32 8.82
CA LEU B 288 -1.64 23.41 8.44
C LEU B 288 -1.38 22.44 9.59
N LYS B 289 -1.21 21.16 9.24
CA LYS B 289 -0.94 20.11 10.21
C LYS B 289 0.15 19.18 9.64
N PRO B 290 0.88 18.46 10.51
CA PRO B 290 1.99 17.63 10.01
C PRO B 290 1.53 16.50 9.11
N VAL B 291 2.44 16.00 8.28
CA VAL B 291 2.05 15.03 7.26
C VAL B 291 1.65 13.66 7.85
N ASP B 292 2.17 13.32 9.03
CA ASP B 292 1.76 12.08 9.71
C ASP B 292 0.41 12.20 10.43
N TYR B 293 -0.23 13.37 10.27
CA TYR B 293 -1.65 13.54 10.55
C TYR B 293 -2.42 13.60 9.23
N ILE B 294 -2.13 14.59 8.39
CA ILE B 294 -2.92 14.87 7.18
C ILE B 294 -2.96 13.66 6.21
N ASN B 295 -1.80 13.07 5.99
CA ASN B 295 -1.68 12.00 5.01
C ASN B 295 -1.80 10.62 5.66
N HIS B 296 -2.08 10.59 6.96
CA HIS B 296 -2.12 9.30 7.66
C HIS B 296 -3.35 8.52 7.20
N PRO B 297 -3.16 7.31 6.63
CA PRO B 297 -4.34 6.57 6.14
C PRO B 297 -5.44 6.39 7.19
N SER B 298 -5.05 6.19 8.45
CA SER B 298 -6.03 6.07 9.54
C SER B 298 -6.82 7.37 9.77
N VAL B 299 -6.19 8.52 9.48
CA VAL B 299 -6.87 9.82 9.60
C VAL B 299 -7.76 10.08 8.37
N VAL B 300 -7.21 9.87 7.18
CA VAL B 300 -8.00 9.99 5.95
C VAL B 300 -9.24 9.09 6.01
N ALA B 301 -9.10 7.91 6.63
CA ALA B 301 -10.22 6.96 6.79
C ALA B 301 -11.42 7.56 7.57
N GLN B 302 -11.14 8.56 8.40
CA GLN B 302 -12.17 9.23 9.19
C GLN B 302 -12.91 10.34 8.44
N CYS B 303 -12.41 10.72 7.26
CA CYS B 303 -13.02 11.81 6.48
C CYS B 303 -14.34 11.40 5.87
N SER B 304 -15.29 12.34 5.80
CA SER B 304 -16.61 12.07 5.21
C SER B 304 -16.60 12.21 3.70
N LYS B 305 -17.09 11.19 3.00
CA LYS B 305 -17.24 11.23 1.54
C LYS B 305 -15.95 11.70 0.88
N MET B 306 -14.85 11.04 1.22
CA MET B 306 -13.54 11.42 0.74
C MET B 306 -13.42 11.17 -0.77
N VAL B 307 -12.91 12.15 -1.49
CA VAL B 307 -12.60 11.97 -2.90
C VAL B 307 -11.17 12.44 -3.14
N CYS B 308 -10.29 11.52 -3.53
CA CYS B 308 -8.90 11.87 -3.71
C CYS B 308 -8.56 11.85 -5.20
N ILE B 309 -7.97 12.93 -5.69
CA ILE B 309 -7.68 13.06 -7.11
C ILE B 309 -6.17 13.18 -7.31
N ASN B 310 -5.60 12.21 -8.03
CA ASN B 310 -4.17 12.20 -8.29
C ASN B 310 -3.87 11.78 -9.72
N ALA B 311 -2.70 12.14 -10.23
CA ALA B 311 -2.34 11.83 -11.62
C ALA B 311 -1.28 10.74 -11.70
N CYS B 312 -1.27 10.03 -12.83
CA CYS B 312 -0.24 9.04 -13.11
C CYS B 312 0.38 9.24 -14.50
N LEU B 313 1.32 8.36 -14.86
CA LEU B 313 2.02 8.41 -16.13
C LEU B 313 1.60 7.26 -17.08
N GLN B 314 1.38 6.07 -16.52
CA GLN B 314 0.85 4.93 -17.29
C GLN B 314 0.19 3.87 -16.40
N VAL B 315 -0.70 3.09 -16.98
CA VAL B 315 -1.45 2.05 -16.26
C VAL B 315 -1.42 0.81 -17.14
N ASP B 316 -1.04 -0.33 -16.57
CA ASP B 316 -0.99 -1.59 -17.34
C ASP B 316 -2.33 -2.35 -17.27
N PHE B 317 -2.45 -3.42 -18.04
CA PHE B 317 -3.70 -4.20 -18.09
C PHE B 317 -4.15 -4.78 -16.72
N MET B 318 -3.22 -4.95 -15.81
CA MET B 318 -3.55 -5.48 -14.47
C MET B 318 -4.01 -4.38 -13.49
N GLY B 319 -3.97 -3.13 -13.93
CA GLY B 319 -4.23 -1.99 -13.04
C GLY B 319 -3.06 -1.58 -12.16
N GLN B 320 -1.84 -1.98 -12.55
CA GLN B 320 -0.64 -1.42 -11.93
C GLN B 320 -0.47 0.00 -12.45
N ILE B 321 -0.25 0.93 -11.53
CA ILE B 321 -0.23 2.35 -11.88
C ILE B 321 1.17 2.91 -11.64
N VAL B 322 1.75 3.47 -12.70
CA VAL B 322 3.09 4.06 -12.65
C VAL B 322 2.93 5.58 -12.67
N SER B 323 3.43 6.25 -11.63
CA SER B 323 3.16 7.68 -11.47
C SER B 323 4.42 8.53 -11.30
N ASP B 324 5.56 7.89 -11.07
CA ASP B 324 6.76 8.66 -10.69
C ASP B 324 8.05 8.35 -11.46
N SER B 325 7.94 7.49 -12.47
CA SER B 325 9.11 7.10 -13.28
C SER B 325 8.70 6.80 -14.72
N ILE B 326 9.64 6.96 -15.64
CA ILE B 326 9.42 6.53 -17.01
C ILE B 326 10.51 5.52 -17.29
N GLY B 327 10.12 4.24 -17.35
CA GLY B 327 11.10 3.17 -17.32
C GLY B 327 12.04 3.38 -16.15
N THR B 328 13.35 3.26 -16.40
CA THR B 328 14.34 3.36 -15.31
C THR B 328 14.60 4.81 -14.86
N LYS B 329 13.99 5.79 -15.54
CA LYS B 329 14.21 7.21 -15.25
C LYS B 329 13.26 7.71 -14.18
N GLN B 330 13.83 8.18 -13.06
CA GLN B 330 13.02 8.68 -11.94
C GLN B 330 12.63 10.14 -12.17
N PHE B 331 11.35 10.46 -11.98
CA PHE B 331 10.85 11.80 -12.28
C PHE B 331 10.36 12.59 -11.08
N SER B 332 9.66 11.94 -10.16
CA SER B 332 9.10 12.64 -9.01
C SER B 332 9.19 11.77 -7.77
N GLY B 333 8.05 11.28 -7.30
CA GLY B 333 8.04 10.37 -6.14
C GLY B 333 6.62 9.94 -5.88
N VAL B 334 6.43 8.96 -4.99
CA VAL B 334 5.06 8.57 -4.64
C VAL B 334 4.33 9.75 -3.99
N GLY B 335 5.07 10.58 -3.25
CA GLY B 335 4.46 11.62 -2.41
C GLY B 335 3.33 11.05 -1.56
N GLY B 336 2.16 11.67 -1.63
CA GLY B 336 1.02 11.21 -0.85
C GLY B 336 0.02 10.40 -1.67
N GLN B 337 0.38 10.00 -2.89
CA GLN B 337 -0.61 9.35 -3.77
C GLN B 337 -1.22 8.11 -3.07
N VAL B 338 -0.33 7.23 -2.63
CA VAL B 338 -0.76 5.97 -1.99
C VAL B 338 -1.38 6.19 -0.59
N ASP B 339 -0.88 7.17 0.14
CA ASP B 339 -1.49 7.57 1.43
C ASP B 339 -3.01 7.80 1.28
N PHE B 340 -3.39 8.61 0.31
CA PHE B 340 -4.79 8.98 0.11
C PHE B 340 -5.60 7.87 -0.57
N VAL B 341 -4.99 7.15 -1.52
CA VAL B 341 -5.65 5.96 -2.10
C VAL B 341 -6.07 5.03 -0.94
N ARG B 342 -5.13 4.74 -0.05
CA ARG B 342 -5.39 3.85 1.08
C ARG B 342 -6.44 4.39 2.05
N GLY B 343 -6.32 5.67 2.40
CA GLY B 343 -7.29 6.30 3.31
C GLY B 343 -8.72 6.25 2.78
N ALA B 344 -8.88 6.52 1.49
CA ALA B 344 -10.20 6.43 0.83
C ALA B 344 -10.76 5.00 0.82
N SER B 345 -9.89 4.01 0.57
CA SER B 345 -10.31 2.60 0.62
C SER B 345 -10.72 2.14 2.02
N MET B 346 -10.07 2.70 3.04
CA MET B 346 -10.33 2.36 4.43
C MET B 346 -11.51 3.16 5.04
N SER B 347 -12.12 4.03 4.23
CA SER B 347 -13.11 5.00 4.74
C SER B 347 -14.17 4.34 5.61
N ILE B 348 -14.36 4.90 6.80
CA ILE B 348 -15.26 4.35 7.80
C ILE B 348 -16.72 4.45 7.34
N ASP B 349 -17.04 5.47 6.55
CA ASP B 349 -18.38 5.58 5.97
C ASP B 349 -18.61 4.71 4.74
N GLY B 350 -17.53 4.12 4.20
CA GLY B 350 -17.61 3.29 3.00
C GLY B 350 -17.90 4.07 1.72
N LYS B 351 -17.73 5.39 1.78
CA LYS B 351 -18.05 6.26 0.66
C LYS B 351 -16.82 6.84 -0.05
N GLY B 352 -15.63 6.52 0.46
CA GLY B 352 -14.38 7.03 -0.09
C GLY B 352 -14.10 6.54 -1.49
N LYS B 353 -13.57 7.44 -2.33
CA LYS B 353 -13.17 7.08 -3.70
C LYS B 353 -11.77 7.62 -3.96
N ALA B 354 -10.93 6.86 -4.66
CA ALA B 354 -9.66 7.39 -5.15
C ALA B 354 -9.66 7.39 -6.66
N ILE B 355 -9.41 8.56 -7.23
CA ILE B 355 -9.37 8.73 -8.67
C ILE B 355 -7.94 8.98 -9.11
N ILE B 356 -7.48 8.17 -10.05
CA ILE B 356 -6.15 8.37 -10.63
C ILE B 356 -6.39 8.71 -12.09
N ALA B 357 -5.94 9.88 -12.51
CA ALA B 357 -6.27 10.40 -13.84
C ALA B 357 -5.05 10.69 -14.68
N MET B 358 -5.22 10.57 -16.00
CA MET B 358 -4.15 10.82 -16.96
C MET B 358 -4.69 10.99 -18.38
N PRO B 359 -3.99 11.76 -19.23
CA PRO B 359 -4.34 11.75 -20.65
C PRO B 359 -4.16 10.33 -21.19
N SER B 360 -4.96 9.95 -22.16
CA SER B 360 -4.84 8.57 -22.70
C SER B 360 -3.59 8.37 -23.54
N VAL B 361 -3.03 9.45 -24.08
CA VAL B 361 -1.88 9.37 -24.97
C VAL B 361 -0.87 10.48 -24.71
N ALA B 362 0.36 10.25 -25.16
CA ALA B 362 1.40 11.29 -25.24
C ALA B 362 1.96 11.38 -26.65
N LYS B 363 2.35 12.60 -27.05
CA LYS B 363 3.07 12.78 -28.30
C LYS B 363 4.56 12.75 -27.97
N LYS B 364 5.26 11.78 -28.55
CA LYS B 364 6.70 11.69 -28.39
C LYS B 364 7.37 12.84 -29.17
N LYS B 365 8.60 13.16 -28.82
CA LYS B 365 9.31 14.24 -29.49
C LYS B 365 9.63 13.90 -30.94
N ASP B 366 9.64 12.62 -31.30
CA ASP B 366 9.77 12.24 -32.71
C ASP B 366 8.47 12.38 -33.54
N GLY B 367 7.40 12.88 -32.92
CA GLY B 367 6.12 13.08 -33.61
C GLY B 367 5.11 11.94 -33.51
N SER B 368 5.57 10.75 -33.09
CA SER B 368 4.68 9.60 -32.95
C SER B 368 3.83 9.71 -31.68
N MET B 369 2.72 8.98 -31.66
CA MET B 369 1.84 8.94 -30.49
C MET B 369 2.09 7.64 -29.74
N ILE B 370 1.99 7.71 -28.41
CA ILE B 370 2.04 6.50 -27.59
C ILE B 370 0.87 6.42 -26.64
N SER B 371 0.36 5.20 -26.43
CA SER B 371 -0.69 4.97 -25.46
C SER B 371 -0.12 4.91 -24.04
N LYS B 372 -0.81 5.58 -23.12
CA LYS B 372 -0.46 5.50 -21.70
C LYS B 372 -1.23 4.37 -20.99
N ILE B 373 -2.23 3.81 -21.67
CA ILE B 373 -2.82 2.50 -21.31
C ILE B 373 -1.98 1.45 -22.05
N VAL B 374 -1.35 0.56 -21.32
CA VAL B 374 -0.36 -0.36 -21.87
C VAL B 374 -0.59 -1.79 -21.40
N PRO B 375 -0.19 -2.78 -22.22
CA PRO B 375 -0.30 -4.14 -21.74
C PRO B 375 0.67 -4.38 -20.57
N PHE B 376 1.88 -3.83 -20.68
CA PHE B 376 2.90 -3.99 -19.66
C PHE B 376 3.55 -2.64 -19.38
N ILE B 377 3.95 -2.43 -18.13
CA ILE B 377 4.66 -1.22 -17.76
C ILE B 377 5.99 -1.16 -18.50
N ASP B 378 6.52 0.05 -18.68
CA ASP B 378 7.84 0.22 -19.30
C ASP B 378 8.88 -0.57 -18.52
N HIS B 379 9.87 -1.12 -19.23
CA HIS B 379 10.93 -1.89 -18.57
C HIS B 379 11.60 -1.10 -17.45
N GLY B 380 11.64 -1.69 -16.25
CA GLY B 380 12.29 -1.07 -15.08
C GLY B 380 11.51 0.03 -14.36
N ALA B 381 10.30 0.33 -14.82
CA ALA B 381 9.45 1.30 -14.13
C ALA B 381 9.05 0.82 -12.73
N ALA B 382 8.87 1.78 -11.83
CA ALA B 382 8.43 1.47 -10.50
C ALA B 382 6.91 1.54 -10.45
N VAL B 383 6.27 0.51 -9.90
CA VAL B 383 4.84 0.56 -9.65
C VAL B 383 4.63 1.51 -8.47
N THR B 384 3.81 2.55 -8.67
CA THR B 384 3.50 3.51 -7.60
C THR B 384 2.27 3.05 -6.82
N THR B 385 1.16 2.90 -7.53
CA THR B 385 -0.06 2.40 -6.92
C THR B 385 -0.24 0.98 -7.42
N SER B 386 -0.09 0.03 -6.50
CA SER B 386 -0.09 -1.39 -6.85
C SER B 386 -1.47 -1.81 -7.37
N ARG B 387 -1.51 -2.93 -8.06
CA ARG B 387 -2.79 -3.43 -8.58
C ARG B 387 -3.81 -3.64 -7.48
N ASN B 388 -3.37 -3.99 -6.27
CA ASN B 388 -4.30 -4.23 -5.17
C ASN B 388 -4.87 -2.91 -4.59
N ASP B 389 -4.13 -1.81 -4.79
CA ASP B 389 -4.53 -0.47 -4.31
C ASP B 389 -5.48 0.25 -5.29
N ALA B 390 -5.44 -0.14 -6.56
CA ALA B 390 -6.10 0.62 -7.63
C ALA B 390 -7.61 0.77 -7.41
N ASP B 391 -8.14 1.96 -7.66
CA ASP B 391 -9.58 2.23 -7.53
C ASP B 391 -10.05 2.74 -8.92
N TYR B 392 -10.43 4.01 -9.04
CA TYR B 392 -10.87 4.54 -10.33
C TYR B 392 -9.68 5.01 -11.18
N VAL B 393 -9.72 4.72 -12.48
CA VAL B 393 -8.76 5.29 -13.45
C VAL B 393 -9.58 6.12 -14.45
N VAL B 394 -9.14 7.36 -14.71
CA VAL B 394 -9.91 8.27 -15.57
C VAL B 394 -9.00 8.86 -16.66
N THR B 395 -9.50 8.85 -17.90
CA THR B 395 -8.86 9.58 -19.00
C THR B 395 -9.90 10.50 -19.64
N GLU B 396 -9.52 11.21 -20.71
CA GLU B 396 -10.46 12.06 -21.43
C GLU B 396 -11.62 11.24 -22.02
N TYR B 397 -11.46 9.92 -22.11
CA TYR B 397 -12.50 9.06 -22.70
C TYR B 397 -13.43 8.39 -21.69
N GLY B 398 -13.14 8.53 -20.40
CA GLY B 398 -14.09 8.05 -19.40
C GLY B 398 -13.47 7.47 -18.15
N ILE B 399 -14.29 6.69 -17.44
CA ILE B 399 -13.97 6.14 -16.13
C ILE B 399 -13.85 4.63 -16.22
N ALA B 400 -12.77 4.09 -15.66
CA ALA B 400 -12.59 2.65 -15.52
C ALA B 400 -12.53 2.29 -14.03
N GLU B 401 -13.35 1.33 -13.61
CA GLU B 401 -13.30 0.83 -12.22
C GLU B 401 -12.33 -0.35 -12.07
N MET B 402 -11.38 -0.25 -11.15
CA MET B 402 -10.43 -1.35 -10.89
C MET B 402 -10.81 -2.19 -9.67
N LYS B 403 -11.39 -1.52 -8.68
CA LYS B 403 -11.61 -2.13 -7.35
C LYS B 403 -12.62 -3.28 -7.41
N GLY B 404 -12.19 -4.45 -6.95
CA GLY B 404 -13.00 -5.69 -7.01
C GLY B 404 -13.16 -6.27 -8.41
N LYS B 405 -12.40 -5.75 -9.38
CA LYS B 405 -12.51 -6.19 -10.78
C LYS B 405 -11.38 -7.12 -11.16
N SER B 406 -11.68 -8.15 -11.96
CA SER B 406 -10.66 -9.10 -12.40
C SER B 406 -9.65 -8.47 -13.36
N LEU B 407 -8.49 -9.10 -13.51
CA LEU B 407 -7.49 -8.63 -14.47
C LEU B 407 -8.10 -8.42 -15.85
N GLN B 408 -8.89 -9.39 -16.32
CA GLN B 408 -9.49 -9.27 -17.66
C GLN B 408 -10.48 -8.10 -17.75
N ASP B 409 -11.32 -7.96 -16.73
CA ASP B 409 -12.29 -6.84 -16.72
C ASP B 409 -11.66 -5.46 -16.53
N ARG B 410 -10.55 -5.41 -15.78
CA ARG B 410 -9.75 -4.18 -15.65
C ARG B 410 -9.21 -3.80 -17.01
N ALA B 411 -8.56 -4.76 -17.68
CA ALA B 411 -8.00 -4.51 -19.00
C ALA B 411 -9.09 -4.08 -20.01
N ARG B 412 -10.25 -4.75 -19.96
CA ARG B 412 -11.38 -4.35 -20.82
C ARG B 412 -11.80 -2.89 -20.56
N ALA B 413 -11.92 -2.53 -19.30
CA ALA B 413 -12.36 -1.18 -18.90
C ALA B 413 -11.32 -0.12 -19.30
N LEU B 414 -10.05 -0.46 -19.14
CA LEU B 414 -8.96 0.45 -19.52
C LEU B 414 -8.91 0.64 -21.02
N ILE B 415 -9.02 -0.46 -21.78
CA ILE B 415 -9.04 -0.35 -23.25
C ILE B 415 -10.22 0.51 -23.72
N ASN B 416 -11.36 0.37 -23.03
CA ASN B 416 -12.56 1.17 -23.31
C ASN B 416 -12.36 2.67 -23.13
N ILE B 417 -11.38 3.07 -22.31
CA ILE B 417 -11.07 4.51 -22.13
C ILE B 417 -9.73 4.93 -22.75
N ALA B 418 -9.17 4.04 -23.59
CA ALA B 418 -7.97 4.32 -24.33
C ALA B 418 -8.31 5.13 -25.59
N HIS B 419 -7.29 5.73 -26.20
CA HIS B 419 -7.50 6.51 -27.40
C HIS B 419 -7.97 5.56 -28.53
N PRO B 420 -9.04 5.95 -29.26
CA PRO B 420 -9.54 5.14 -30.38
C PRO B 420 -8.46 4.61 -31.33
N ASP B 421 -7.43 5.40 -31.64
CA ASP B 421 -6.37 4.97 -32.56
C ASP B 421 -5.60 3.70 -32.13
N PHE B 422 -5.64 3.41 -30.83
CA PHE B 422 -4.87 2.32 -30.23
C PHE B 422 -5.70 1.09 -29.88
N LYS B 423 -7.02 1.19 -29.99
CA LYS B 423 -7.88 0.16 -29.44
C LYS B 423 -7.67 -1.22 -30.06
N ASP B 424 -7.45 -1.28 -31.37
CA ASP B 424 -7.25 -2.57 -32.02
C ASP B 424 -5.92 -3.23 -31.65
N GLU B 425 -4.85 -2.43 -31.60
CA GLU B 425 -3.57 -2.92 -31.13
C GLU B 425 -3.68 -3.45 -29.69
N LEU B 426 -4.35 -2.68 -28.83
CA LEU B 426 -4.52 -3.08 -27.43
C LEU B 426 -5.37 -4.35 -27.29
N LYS B 427 -6.39 -4.51 -28.12
CA LYS B 427 -7.20 -5.74 -28.06
C LYS B 427 -6.42 -6.98 -28.49
N ALA B 428 -5.51 -6.81 -29.46
CA ALA B 428 -4.61 -7.88 -29.87
C ALA B 428 -3.67 -8.27 -28.73
N GLU B 429 -3.16 -7.27 -28.01
CA GLU B 429 -2.31 -7.50 -26.86
C GLU B 429 -3.10 -8.20 -25.74
N PHE B 430 -4.36 -7.78 -25.54
CA PHE B 430 -5.28 -8.45 -24.60
C PHE B 430 -5.37 -9.95 -24.89
N GLU B 431 -5.59 -10.30 -26.16
CA GLU B 431 -5.78 -11.70 -26.52
C GLU B 431 -4.50 -12.50 -26.27
N LYS B 432 -3.34 -11.92 -26.59
CA LYS B 432 -2.06 -12.58 -26.32
C LYS B 432 -1.78 -12.74 -24.82
N ARG B 433 -2.09 -11.71 -24.05
CA ARG B 433 -1.83 -11.71 -22.60
C ARG B 433 -2.74 -12.66 -21.80
N PHE B 434 -4.02 -12.69 -22.15
CA PHE B 434 -5.02 -13.40 -21.37
C PHE B 434 -5.52 -14.71 -21.97
N ASN B 435 -5.13 -15.00 -23.21
CA ASN B 435 -5.57 -16.21 -23.90
C ASN B 435 -7.09 -16.30 -23.96
N ALA B 436 -7.72 -15.13 -24.10
CA ALA B 436 -9.17 -15.00 -24.13
C ALA B 436 -9.56 -13.87 -25.08
N ALA B 437 -10.70 -14.04 -25.76
CA ALA B 437 -11.21 -13.00 -26.66
C ALA B 437 -11.58 -11.75 -25.86
N PHE B 438 -11.40 -10.57 -26.46
CA PHE B 438 -11.73 -9.30 -25.79
C PHE B 438 -13.22 -9.22 -25.45
N SER B 439 -14.06 -9.52 -26.45
CA SER B 439 -15.50 -9.41 -26.26
C SER B 439 -16.03 -10.58 -25.44
N ALA B 440 -16.64 -10.26 -24.30
CA ALA B 440 -17.35 -11.24 -23.46
C ALA B 440 -18.65 -11.71 -24.11
N TRP B 441 -19.20 -10.87 -24.99
CA TRP B 441 -20.41 -11.21 -25.76
C TRP B 441 -20.14 -12.24 -26.85
N SER B 442 -21.16 -13.01 -27.18
CA SER B 442 -21.15 -13.86 -28.36
C SER B 442 -22.59 -14.05 -28.81
N HIS B 443 -22.96 -13.35 -29.89
CA HIS B 443 -24.33 -13.36 -30.40
C HIS B 443 -24.44 -14.37 -31.53
N PRO B 444 -25.41 -15.30 -31.44
CA PRO B 444 -25.62 -16.31 -32.50
C PRO B 444 -25.64 -15.73 -33.91
N GLN B 445 -26.01 -14.45 -34.03
CA GLN B 445 -26.01 -13.73 -35.32
C GLN B 445 -24.65 -13.79 -36.02
N PHE B 446 -23.59 -13.90 -35.23
CA PHE B 446 -22.25 -14.04 -35.75
C PHE B 446 -21.73 -15.45 -35.48
N GLU B 447 -21.74 -16.27 -36.53
CA GLU B 447 -21.52 -17.72 -36.47
C GLU B 447 -20.33 -18.14 -35.58
#